data_6O3C
#
_entry.id   6O3C
#
_cell.length_a   39.010
_cell.length_b   121.090
_cell.length_c   157.010
_cell.angle_alpha   90.000
_cell.angle_beta   90.000
_cell.angle_gamma   90.000
#
_symmetry.space_group_name_H-M   'P 2 2 21'
#
loop_
_entity.id
_entity.type
_entity.pdbx_description
1 polymer 'Smoothened homolog'
2 polymer NbSmo8
3 non-polymer 'PHOSPHATE ION'
4 non-polymer 'SODIUM ION'
5 non-polymer '(2S)-2,3-dihydroxypropyl (9Z)-octadec-9-enoate'
6 non-polymer 2-acetamido-2-deoxy-beta-D-glucopyranose
7 non-polymer 3-chloro-4,7-difluoro-N-{[2-methoxy-5-(pyridin-4-yl)phenyl]methyl}-N-[trans-4-(methylamino)cyclohexyl]-1-benzothiophene-2-carboxamide
8 non-polymer CHOLESTEROL
9 water water
#
loop_
_entity_poly.entity_id
_entity_poly.type
_entity_poly.pdbx_seq_one_letter_code
_entity_poly.pdbx_strand_id
1 'polypeptide(L)'
;DYKDDDDAGSENLYFQGSGSPRLLSHCGRAAHCEPLRYNVCLGSALPYGATTTLLAGDSDSQEEAHGKLVLWSGLRNAPR
CWAVIQPLLCAVYMPKCENDRVELPSRTLCQATRGPCAIVERERGWPDFLRCTPDHFPEGCPNEVQNIKFNSSGQCEAPL
VRTDNPKSWYEDVEGCGIQCQNPLFTEAEHQDMHSYIAAFGAVTGLCTLFTLATFVADWRNSNRYPAVILFYVNACFFVG
SIGWLAQFMDGARREIVCRADGTMRFGEPTSSETLSCVIIFVIVYYALMAGVVWFVVLTYAWHTSFKALGTTYQPLSGKT
SYFHLLTWSLPFVLTVAILAVAQVDGDSVSGICFVGYKNYRYRAGFVLAPIGLVLIVGGYFLIRGVMTLFSIKSNHPGLL
SEKAASKINETMLRLGIFGFLAFGFVLITFSCHFYDFFNQAEWERSFRDYVLCQANVTIGLPTKKPIPDCEIKNRPSLLV
EKINLFAMFGTGIAMSTWVWTKATLLIWRRTWCRLTGHSDDEPKR
;
A
2 'polypeptide(L)'
;QVQLQESGGGLVQAGGSLRLSCAASGYIFSSYAMGWYRQAPGKEREFVATIGWGTITYYADSVKGRFTISRDNAKNTVYL
QMNSLKPEDTAVYYCAAQDLLYYSFPGDHAYWGQGTQVTVSSHHHHHH
;
B
#
loop_
_chem_comp.id
_chem_comp.type
_chem_comp.name
_chem_comp.formula
CLR non-polymer CHOLESTEROL 'C27 H46 O'
LKD non-polymer 3-chloro-4,7-difluoro-N-{[2-methoxy-5-(pyridin-4-yl)phenyl]methyl}-N-[trans-4-(methylamino)cyclohexyl]-1-benzothiophene-2-carboxamide 'C29 H28 Cl F2 N3 O2 S'
NA non-polymer 'SODIUM ION' 'Na 1'
NAG D-saccharide, beta linking 2-acetamido-2-deoxy-beta-D-glucopyranose 'C8 H15 N O6'
OLB non-polymer '(2S)-2,3-dihydroxypropyl (9Z)-octadec-9-enoate' 'C21 H40 O4'
PO4 non-polymer 'PHOSPHATE ION' 'O4 P -3'
#
# COMPACT_ATOMS: atom_id res chain seq x y z
N LEU A 24 24.90 20.02 -61.54
CA LEU A 24 23.60 20.44 -61.02
C LEU A 24 23.68 20.81 -59.55
N SER A 25 24.06 22.07 -59.28
CA SER A 25 24.27 22.56 -57.92
C SER A 25 22.98 23.19 -57.41
N HIS A 26 22.02 22.33 -57.06
CA HIS A 26 20.86 22.76 -56.29
C HIS A 26 21.21 23.13 -54.87
N CYS A 27 22.49 23.03 -54.50
CA CYS A 27 22.93 23.12 -53.11
C CYS A 27 23.82 24.32 -52.85
N GLY A 28 23.93 25.24 -53.78
CA GLY A 28 24.78 26.41 -53.62
C GLY A 28 24.01 27.68 -53.87
N ARG A 29 24.46 28.74 -53.20
CA ARG A 29 23.86 30.06 -53.35
C ARG A 29 24.97 31.11 -53.39
N ALA A 30 24.72 32.17 -54.16
CA ALA A 30 25.71 33.22 -54.31
C ALA A 30 25.87 33.98 -52.99
N ALA A 31 27.12 34.18 -52.58
CA ALA A 31 27.43 34.91 -51.36
C ALA A 31 28.90 35.34 -51.38
N HIS A 32 29.18 36.44 -50.71
CA HIS A 32 30.55 36.95 -50.62
C HIS A 32 31.28 36.22 -49.49
N CYS A 33 32.32 35.48 -49.86
CA CYS A 33 33.05 34.69 -48.87
C CYS A 33 33.89 35.59 -47.97
N GLU A 34 33.78 35.38 -46.66
CA GLU A 34 34.55 36.11 -45.67
C GLU A 34 35.59 35.20 -45.03
N PRO A 35 36.69 35.76 -44.52
CA PRO A 35 37.73 34.92 -43.90
C PRO A 35 37.26 34.39 -42.56
N LEU A 36 37.48 33.09 -42.33
CA LEU A 36 37.10 32.46 -41.08
C LEU A 36 37.87 33.07 -39.92
N ARG A 37 37.21 33.92 -39.14
CA ARG A 37 37.84 34.48 -37.95
C ARG A 37 37.98 33.44 -36.84
N TYR A 38 37.21 32.36 -36.91
CA TYR A 38 37.34 31.24 -35.99
C TYR A 38 37.54 29.96 -36.81
N ASN A 39 38.59 29.21 -36.48
CA ASN A 39 38.87 27.95 -37.16
C ASN A 39 38.46 26.75 -36.31
N VAL A 40 37.43 26.91 -35.48
CA VAL A 40 36.90 25.82 -34.66
C VAL A 40 35.41 26.06 -34.47
N CYS A 41 34.59 25.04 -34.73
CA CYS A 41 33.13 25.14 -34.60
C CYS A 41 32.66 24.05 -33.66
N LEU A 42 32.14 24.45 -32.51
CA LEU A 42 31.63 23.53 -31.48
C LEU A 42 32.67 22.48 -31.09
N GLY A 43 33.94 22.86 -31.10
CA GLY A 43 34.99 21.94 -30.67
C GLY A 43 35.46 20.97 -31.74
N SER A 44 35.37 21.34 -33.01
CA SER A 44 35.83 20.49 -34.10
C SER A 44 36.50 21.34 -35.16
N ALA A 45 37.57 20.80 -35.75
CA ALA A 45 38.30 21.52 -36.78
C ALA A 45 37.48 21.66 -38.05
N LEU A 46 37.77 22.71 -38.81
CA LEU A 46 37.10 22.97 -40.07
C LEU A 46 38.07 22.77 -41.23
N PRO A 47 37.69 22.00 -42.26
CA PRO A 47 38.58 21.79 -43.40
C PRO A 47 38.58 22.93 -44.40
N TYR A 48 37.81 23.99 -44.17
CA TYR A 48 37.76 25.14 -45.07
C TYR A 48 38.11 26.40 -44.31
N GLY A 49 38.27 27.51 -45.05
CA GLY A 49 38.67 28.76 -44.46
C GLY A 49 37.88 29.96 -44.92
N ALA A 50 36.60 29.76 -45.21
CA ALA A 50 35.72 30.84 -45.64
C ALA A 50 34.30 30.53 -45.19
N THR A 51 33.61 31.55 -44.67
CA THR A 51 32.27 31.39 -44.15
C THR A 51 31.43 32.60 -44.53
N THR A 52 30.12 32.50 -44.27
CA THR A 52 29.20 33.60 -44.54
C THR A 52 28.07 33.56 -43.52
N THR A 53 27.50 34.74 -43.25
CA THR A 53 26.35 34.89 -42.37
C THR A 53 25.04 34.93 -43.15
N LEU A 54 25.04 34.46 -44.40
CA LEU A 54 23.82 34.49 -45.20
C LEU A 54 22.78 33.53 -44.66
N LEU A 55 23.18 32.32 -44.28
CA LEU A 55 22.22 31.33 -43.79
C LEU A 55 21.72 31.68 -42.39
N ALA A 56 22.57 32.29 -41.56
CA ALA A 56 22.20 32.66 -40.20
C ALA A 56 21.42 33.96 -40.23
N GLY A 57 20.10 33.87 -40.24
CA GLY A 57 19.26 35.05 -40.30
C GLY A 57 19.20 35.85 -39.02
N ASP A 58 19.75 35.32 -37.93
CA ASP A 58 19.73 36.02 -36.64
C ASP A 58 21.01 36.80 -36.38
N SER A 59 22.04 36.63 -37.20
CA SER A 59 23.32 37.29 -36.99
C SER A 59 23.84 37.83 -38.31
N ASP A 60 24.53 38.97 -38.24
CA ASP A 60 25.13 39.60 -39.40
C ASP A 60 26.64 39.70 -39.31
N SER A 61 27.25 39.15 -38.26
CA SER A 61 28.69 39.18 -38.10
C SER A 61 29.16 37.82 -37.58
N GLN A 62 30.40 37.48 -37.89
CA GLN A 62 30.96 36.21 -37.42
C GLN A 62 31.05 36.20 -35.90
N GLU A 63 31.46 37.32 -35.30
CA GLU A 63 31.47 37.42 -33.84
C GLU A 63 30.08 37.21 -33.26
N GLU A 64 29.06 37.73 -33.94
CA GLU A 64 27.70 37.56 -33.45
C GLU A 64 27.19 36.14 -33.68
N ALA A 65 27.48 35.57 -34.85
CA ALA A 65 27.11 34.18 -35.10
C ALA A 65 27.79 33.24 -34.12
N HIS A 66 29.06 33.50 -33.82
CA HIS A 66 29.76 32.70 -32.82
C HIS A 66 29.11 32.86 -31.45
N GLY A 67 28.63 34.07 -31.14
CA GLY A 67 27.93 34.26 -29.88
C GLY A 67 26.62 33.52 -29.83
N LYS A 68 25.89 33.47 -30.94
CA LYS A 68 24.65 32.71 -30.99
C LYS A 68 24.89 31.23 -30.83
N LEU A 69 26.05 30.73 -31.28
CA LEU A 69 26.38 29.32 -31.08
C LEU A 69 26.62 29.01 -29.60
N VAL A 70 27.09 30.00 -28.82
CA VAL A 70 27.20 29.80 -27.39
C VAL A 70 25.83 29.55 -26.78
N LEU A 71 24.82 30.29 -27.24
CA LEU A 71 23.46 30.05 -26.76
C LEU A 71 22.99 28.64 -27.13
N TRP A 72 23.26 28.21 -28.37
CA TRP A 72 22.90 26.85 -28.75
C TRP A 72 23.68 25.81 -27.95
N SER A 73 24.91 26.13 -27.54
CA SER A 73 25.72 25.17 -26.81
C SER A 73 25.03 24.69 -25.54
N GLY A 74 24.02 25.40 -25.05
CA GLY A 74 23.27 24.93 -23.91
C GLY A 74 22.62 23.59 -24.15
N LEU A 75 22.36 23.26 -25.41
CA LEU A 75 21.85 21.96 -25.79
C LEU A 75 22.88 20.85 -25.72
N ARG A 76 24.07 21.14 -25.15
CA ARG A 76 25.05 20.08 -24.91
C ARG A 76 24.47 18.95 -24.07
N ASN A 77 23.44 19.24 -23.28
CA ASN A 77 22.70 18.21 -22.56
C ASN A 77 21.67 17.56 -23.49
N ALA A 78 21.16 16.42 -23.06
CA ALA A 78 20.26 15.65 -23.91
C ALA A 78 21.02 15.18 -25.15
N PRO A 79 21.91 14.20 -25.01
CA PRO A 79 22.83 13.88 -26.12
C PRO A 79 22.13 13.56 -27.44
N ARG A 80 20.97 12.90 -27.40
CA ARG A 80 20.34 12.47 -28.64
C ARG A 80 20.02 13.65 -29.56
N CYS A 81 19.78 14.83 -28.99
CA CYS A 81 19.59 16.03 -29.80
C CYS A 81 20.90 16.75 -30.09
N TRP A 82 21.86 16.69 -29.17
CA TRP A 82 23.12 17.39 -29.37
C TRP A 82 23.95 16.76 -30.49
N ALA A 83 23.77 15.46 -30.73
CA ALA A 83 24.54 14.78 -31.77
C ALA A 83 24.07 15.14 -33.18
N VAL A 84 22.76 15.37 -33.36
CA VAL A 84 22.24 15.70 -34.68
C VAL A 84 22.17 17.20 -34.93
N ILE A 85 22.22 18.02 -33.88
CA ILE A 85 22.13 19.47 -34.06
C ILE A 85 23.51 20.12 -34.21
N GLN A 86 24.57 19.45 -33.76
CA GLN A 86 25.92 19.98 -33.99
C GLN A 86 26.21 20.16 -35.47
N PRO A 87 26.06 19.15 -36.33
CA PRO A 87 26.31 19.38 -37.76
C PRO A 87 25.37 20.41 -38.36
N LEU A 88 24.10 20.44 -37.93
CA LEU A 88 23.15 21.39 -38.47
C LEU A 88 23.58 22.82 -38.17
N LEU A 89 24.13 23.06 -36.98
CA LEU A 89 24.49 24.43 -36.60
C LEU A 89 25.77 24.88 -37.29
N CYS A 90 26.79 24.02 -37.33
CA CYS A 90 28.02 24.36 -38.03
C CYS A 90 27.87 24.32 -39.55
N ALA A 91 26.64 24.18 -40.03
CA ALA A 91 26.34 24.32 -41.45
C ALA A 91 25.46 25.52 -41.77
N VAL A 92 24.84 26.13 -40.77
CA VAL A 92 24.03 27.31 -40.95
C VAL A 92 24.72 28.57 -40.44
N TYR A 93 25.44 28.46 -39.33
CA TYR A 93 26.18 29.59 -38.78
C TYR A 93 27.59 29.70 -39.34
N MET A 94 28.24 28.57 -39.61
CA MET A 94 29.59 28.54 -40.17
C MET A 94 29.63 27.58 -41.35
N PRO A 95 29.01 27.96 -42.47
CA PRO A 95 29.00 27.11 -43.65
C PRO A 95 30.24 27.32 -44.51
N LYS A 96 30.42 26.42 -45.47
CA LYS A 96 31.57 26.47 -46.37
C LYS A 96 31.30 27.45 -47.51
N CYS A 97 32.30 28.26 -47.82
CA CYS A 97 32.20 29.26 -48.89
C CYS A 97 33.42 29.14 -49.79
N GLU A 98 33.18 29.02 -51.09
CA GLU A 98 34.27 28.86 -52.05
C GLU A 98 33.83 29.45 -53.39
N ASN A 99 34.64 30.35 -53.94
CA ASN A 99 34.37 30.95 -55.25
C ASN A 99 33.04 31.69 -55.25
N ASP A 100 32.83 32.52 -54.23
CA ASP A 100 31.61 33.30 -54.09
C ASP A 100 30.36 32.42 -54.08
N ARG A 101 30.49 31.20 -53.54
CA ARG A 101 29.39 30.26 -53.47
C ARG A 101 29.38 29.61 -52.08
N VAL A 102 28.21 29.53 -51.48
CA VAL A 102 28.03 28.92 -50.17
C VAL A 102 27.25 27.62 -50.33
N GLU A 103 27.64 26.59 -49.59
CA GLU A 103 26.99 25.29 -49.65
C GLU A 103 25.85 25.25 -48.63
N LEU A 104 24.67 24.79 -49.08
CA LEU A 104 23.52 24.70 -48.20
C LEU A 104 23.41 23.32 -47.57
N PRO A 105 22.87 23.23 -46.37
CA PRO A 105 22.69 21.92 -45.74
C PRO A 105 21.62 21.10 -46.45
N SER A 106 21.78 19.78 -46.37
CA SER A 106 20.83 18.88 -46.99
C SER A 106 19.54 18.82 -46.18
N ARG A 107 18.43 18.47 -46.85
CA ARG A 107 17.15 18.39 -46.18
C ARG A 107 17.11 17.25 -45.18
N THR A 108 17.78 16.13 -45.49
CA THR A 108 17.86 15.05 -44.52
C THR A 108 18.61 15.46 -43.27
N LEU A 109 19.65 16.28 -43.43
CA LEU A 109 20.36 16.80 -42.27
C LEU A 109 19.45 17.64 -41.39
N CYS A 110 18.45 18.29 -41.98
CA CYS A 110 17.52 19.10 -41.20
C CYS A 110 16.41 18.24 -40.59
N GLN A 111 15.91 17.26 -41.35
CA GLN A 111 14.87 16.38 -40.83
C GLN A 111 15.34 15.62 -39.61
N ALA A 112 16.64 15.34 -39.51
CA ALA A 112 17.17 14.53 -38.42
C ALA A 112 17.18 15.26 -37.07
N THR A 113 16.72 16.50 -37.02
CA THR A 113 16.72 17.26 -35.78
C THR A 113 15.33 17.54 -35.22
N ARG A 114 14.27 17.32 -36.01
CA ARG A 114 12.92 17.60 -35.53
C ARG A 114 12.47 16.59 -34.49
N GLY A 115 12.99 15.36 -34.54
CA GLY A 115 12.62 14.34 -33.60
C GLY A 115 13.32 14.51 -32.26
N PRO A 116 14.64 14.35 -32.26
CA PRO A 116 15.38 14.47 -30.98
C PRO A 116 15.28 15.86 -30.37
N CYS A 117 15.27 16.91 -31.19
CA CYS A 117 15.28 18.28 -30.70
C CYS A 117 13.88 18.90 -30.68
N ALA A 118 12.85 18.08 -30.47
CA ALA A 118 11.49 18.61 -30.32
C ALA A 118 11.36 19.56 -29.14
N ILE A 119 12.37 19.61 -28.26
CA ILE A 119 12.29 20.50 -27.10
C ILE A 119 12.40 21.96 -27.52
N VAL A 120 13.21 22.24 -28.56
CA VAL A 120 13.35 23.61 -29.03
C VAL A 120 12.00 24.18 -29.43
N GLU A 121 11.22 23.40 -30.18
CA GLU A 121 9.89 23.85 -30.57
C GLU A 121 8.99 24.09 -29.36
N ARG A 122 9.29 23.49 -28.21
CA ARG A 122 8.46 23.63 -27.03
C ARG A 122 8.89 24.82 -26.16
N GLU A 123 10.18 24.91 -25.94
CA GLU A 123 10.73 25.93 -25.11
C GLU A 123 10.65 27.28 -25.75
N ARG A 124 10.96 27.37 -27.03
CA ARG A 124 10.89 28.66 -27.69
C ARG A 124 10.40 28.65 -29.12
N GLY A 125 10.77 27.64 -29.90
CA GLY A 125 10.33 27.58 -31.26
C GLY A 125 11.51 27.77 -32.16
N TRP A 126 11.56 27.00 -33.23
CA TRP A 126 12.66 27.08 -34.15
C TRP A 126 12.60 28.34 -34.94
N PRO A 127 13.76 28.92 -35.29
CA PRO A 127 13.86 30.10 -36.14
C PRO A 127 13.46 29.79 -37.57
N ASP A 128 13.11 30.85 -38.31
CA ASP A 128 12.66 30.66 -39.69
C ASP A 128 13.76 30.05 -40.56
N PHE A 129 15.01 30.43 -40.32
CA PHE A 129 16.11 29.93 -41.12
C PHE A 129 16.57 28.54 -40.72
N LEU A 130 16.00 27.96 -39.66
CA LEU A 130 16.35 26.62 -39.22
C LEU A 130 15.21 25.63 -39.40
N ARG A 131 14.19 26.00 -40.15
CA ARG A 131 13.11 25.08 -40.43
C ARG A 131 13.40 24.44 -41.78
N CYS A 132 13.11 23.17 -41.94
CA CYS A 132 13.43 22.56 -43.20
C CYS A 132 12.58 23.04 -44.33
N THR A 133 13.10 24.01 -45.04
CA THR A 133 12.42 24.56 -46.20
C THR A 133 13.22 24.28 -47.46
N PRO A 134 12.56 24.02 -48.60
CA PRO A 134 13.31 23.75 -49.83
C PRO A 134 14.28 24.85 -50.21
N ASP A 135 13.91 26.11 -49.97
CA ASP A 135 14.79 27.22 -50.29
C ASP A 135 16.01 27.28 -49.37
N HIS A 136 15.91 26.72 -48.17
CA HIS A 136 17.02 26.70 -47.22
C HIS A 136 17.70 25.35 -47.08
N PHE A 137 16.94 24.26 -47.19
CA PHE A 137 17.48 22.91 -47.01
C PHE A 137 16.98 22.02 -48.15
N PRO A 138 17.66 22.04 -49.29
CA PRO A 138 17.24 21.17 -50.40
C PRO A 138 17.51 19.71 -50.10
N GLU A 139 16.84 18.84 -50.86
CA GLU A 139 16.94 17.41 -50.65
C GLU A 139 18.15 16.86 -51.40
N GLY A 140 18.94 16.04 -50.70
CA GLY A 140 20.11 15.41 -51.30
C GLY A 140 21.39 16.15 -51.61
N CYS A 141 21.87 16.95 -50.66
CA CYS A 141 23.08 17.74 -50.83
C CYS A 141 24.30 17.29 -50.03
N PRO A 142 25.49 17.42 -50.60
CA PRO A 142 26.70 17.07 -49.85
C PRO A 142 26.98 18.08 -48.75
N ASN A 143 27.52 17.57 -47.64
CA ASN A 143 27.82 18.40 -46.47
C ASN A 143 29.28 18.21 -46.11
N GLU A 144 30.03 19.31 -46.08
CA GLU A 144 31.42 19.24 -45.64
C GLU A 144 31.54 18.95 -44.16
N VAL A 145 30.49 19.22 -43.38
CA VAL A 145 30.52 18.93 -41.95
C VAL A 145 30.34 17.44 -41.67
N GLN A 146 29.79 16.69 -42.63
CA GLN A 146 29.65 15.25 -42.44
C GLN A 146 31.01 14.57 -42.31
N ASN A 147 32.06 15.16 -42.89
CA ASN A 147 33.40 14.60 -42.79
C ASN A 147 34.13 15.00 -41.51
N ILE A 148 33.52 15.84 -40.69
CA ILE A 148 34.14 16.31 -39.46
C ILE A 148 33.69 15.44 -38.31
N LYS A 149 34.62 15.11 -37.42
CA LYS A 149 34.35 14.27 -36.25
C LYS A 149 34.08 15.16 -35.04
N PHE A 150 32.91 14.97 -34.42
CA PHE A 150 32.53 15.70 -33.22
C PHE A 150 32.70 14.77 -32.02
N ASN A 151 33.70 15.06 -31.19
CA ASN A 151 33.99 14.19 -30.04
C ASN A 151 32.99 14.38 -28.90
N SER A 152 32.43 15.57 -28.75
CA SER A 152 31.47 15.81 -27.68
C SER A 152 30.23 14.95 -27.86
N SER A 153 30.04 13.98 -26.95
CA SER A 153 28.89 13.09 -27.04
C SER A 153 27.66 13.67 -26.35
N GLY A 154 27.84 14.38 -25.24
CA GLY A 154 26.73 14.98 -24.54
C GLY A 154 26.68 14.63 -23.07
N GLN A 155 26.91 15.61 -22.21
CA GLN A 155 26.87 15.42 -20.77
C GLN A 155 25.56 15.95 -20.20
N CYS A 156 25.01 15.24 -19.22
CA CYS A 156 23.77 15.62 -18.58
C CYS A 156 24.01 16.07 -17.15
N GLU A 157 23.16 16.98 -16.68
CA GLU A 157 23.34 17.58 -15.37
C GLU A 157 23.12 16.55 -14.27
N ALA A 158 23.46 16.95 -13.04
CA ALA A 158 23.39 16.05 -11.89
C ALA A 158 22.06 15.34 -11.76
N PRO A 159 20.91 16.02 -11.80
CA PRO A 159 19.64 15.31 -11.60
C PRO A 159 19.35 14.26 -12.67
N LEU A 160 19.89 14.43 -13.86
CA LEU A 160 19.68 13.48 -14.95
C LEU A 160 20.89 12.56 -15.10
N VAL A 161 20.69 11.47 -15.84
CA VAL A 161 21.73 10.47 -16.05
C VAL A 161 21.56 9.86 -17.43
N ARG A 162 22.69 9.48 -18.04
CA ARG A 162 22.67 8.91 -19.38
C ARG A 162 21.94 7.57 -19.38
N THR A 163 21.09 7.38 -20.40
CA THR A 163 20.35 6.14 -20.55
C THR A 163 19.98 5.97 -22.01
N ASP A 164 19.85 4.71 -22.43
CA ASP A 164 19.57 4.37 -23.82
C ASP A 164 18.14 3.93 -24.07
N ASN A 165 17.51 3.22 -23.14
CA ASN A 165 16.14 2.76 -23.37
C ASN A 165 15.19 3.95 -23.40
N PRO A 166 14.35 4.07 -24.44
CA PRO A 166 13.47 5.24 -24.52
C PRO A 166 12.52 5.38 -23.35
N LYS A 167 12.17 4.27 -22.69
CA LYS A 167 11.18 4.29 -21.62
C LYS A 167 11.66 5.00 -20.36
N SER A 168 12.90 5.51 -20.34
CA SER A 168 13.43 6.19 -19.18
C SER A 168 13.66 7.67 -19.40
N TRP A 169 13.52 8.16 -20.62
CA TRP A 169 13.84 9.56 -20.92
C TRP A 169 12.87 10.52 -20.25
N TYR A 170 13.40 11.61 -19.71
CA TYR A 170 12.58 12.70 -19.25
C TYR A 170 11.86 13.33 -20.44
N GLU A 171 10.79 14.09 -20.13
CA GLU A 171 9.99 14.68 -21.19
C GLU A 171 10.86 15.55 -22.10
N ASP A 172 10.71 15.34 -23.40
CA ASP A 172 11.50 16.01 -24.44
C ASP A 172 12.94 16.26 -24.03
N VAL A 173 13.56 15.30 -23.34
CA VAL A 173 14.99 15.36 -23.04
C VAL A 173 15.60 14.01 -23.43
N GLU A 174 15.42 13.64 -24.69
CA GLU A 174 15.84 12.33 -25.15
C GLU A 174 17.34 12.14 -24.94
N GLY A 175 17.70 11.07 -24.22
CA GLY A 175 19.08 10.74 -23.94
C GLY A 175 19.41 10.61 -22.47
N CYS A 176 18.57 11.12 -21.58
CA CYS A 176 18.86 11.08 -20.15
C CYS A 176 17.55 10.96 -19.37
N GLY A 177 17.63 10.27 -18.23
CA GLY A 177 16.51 10.12 -17.34
C GLY A 177 16.86 10.57 -15.94
N ILE A 178 15.84 10.52 -15.07
CA ILE A 178 16.02 10.96 -13.69
C ILE A 178 16.85 9.92 -12.94
N GLN A 179 17.87 10.39 -12.22
CA GLN A 179 18.67 9.49 -11.39
C GLN A 179 17.78 8.77 -10.38
N CYS A 180 18.24 7.60 -9.94
CA CYS A 180 17.44 6.79 -9.04
C CYS A 180 17.24 7.48 -7.69
N GLN A 181 18.33 7.94 -7.07
CA GLN A 181 18.22 8.68 -5.82
C GLN A 181 17.44 9.96 -6.06
N ASN A 182 16.36 10.13 -5.31
CA ASN A 182 15.47 11.28 -5.47
C ASN A 182 16.27 12.57 -5.48
N PRO A 183 16.28 13.32 -6.59
CA PRO A 183 17.09 14.54 -6.66
C PRO A 183 16.59 15.65 -5.74
N LEU A 184 15.34 15.58 -5.29
CA LEU A 184 14.80 16.65 -4.44
C LEU A 184 15.22 16.53 -2.99
N PHE A 185 15.86 15.44 -2.59
CA PHE A 185 16.30 15.24 -1.22
C PHE A 185 17.75 14.80 -1.20
N THR A 186 18.49 15.27 -0.20
CA THR A 186 19.92 15.03 -0.12
C THR A 186 20.22 13.66 0.47
N GLU A 187 21.51 13.33 0.56
CA GLU A 187 21.91 12.06 1.17
C GLU A 187 21.50 12.00 2.63
N ALA A 188 21.66 13.10 3.36
CA ALA A 188 21.29 13.12 4.77
C ALA A 188 19.78 12.95 4.94
N GLU A 189 18.99 13.61 4.08
CA GLU A 189 17.54 13.46 4.17
C GLU A 189 17.11 12.04 3.83
N HIS A 190 17.85 11.35 2.94
CA HIS A 190 17.57 9.96 2.67
C HIS A 190 17.94 9.08 3.86
N GLN A 191 19.09 9.37 4.50
CA GLN A 191 19.50 8.59 5.66
C GLN A 191 18.54 8.78 6.83
N ASP A 192 18.06 10.02 7.03
CA ASP A 192 17.16 10.27 8.14
C ASP A 192 15.82 9.56 7.93
N MET A 193 15.31 9.55 6.71
CA MET A 193 14.04 8.89 6.44
C MET A 193 14.15 7.38 6.57
N HIS A 194 15.28 6.82 6.12
CA HIS A 194 15.47 5.38 6.24
C HIS A 194 15.53 4.96 7.70
N SER A 195 16.18 5.76 8.55
CA SER A 195 16.20 5.46 9.97
C SER A 195 14.81 5.53 10.57
N TYR A 196 14.01 6.51 10.13
CA TYR A 196 12.63 6.61 10.60
C TYR A 196 11.85 5.36 10.25
N ILE A 197 12.03 4.83 9.04
CA ILE A 197 11.30 3.64 8.62
C ILE A 197 11.86 2.40 9.32
N ALA A 198 13.18 2.32 9.44
CA ALA A 198 13.78 1.18 10.13
C ALA A 198 13.27 1.06 11.56
N ALA A 199 13.03 2.21 12.21
CA ALA A 199 12.53 2.18 13.58
C ALA A 199 11.05 1.81 13.64
N PHE A 200 10.21 2.51 12.88
CA PHE A 200 8.79 2.20 12.88
C PHE A 200 8.50 0.82 12.29
N GLY A 201 9.28 0.39 11.31
CA GLY A 201 9.05 -0.93 10.73
C GLY A 201 9.38 -2.05 11.69
N ALA A 202 10.44 -1.88 12.48
CA ALA A 202 10.85 -2.94 13.40
C ALA A 202 9.83 -3.11 14.53
N VAL A 203 9.43 -2.00 15.16
CA VAL A 203 8.47 -2.09 16.26
C VAL A 203 7.13 -2.64 15.76
N THR A 204 6.68 -2.17 14.59
CA THR A 204 5.44 -2.69 14.04
C THR A 204 5.57 -4.17 13.69
N GLY A 205 6.75 -4.59 13.22
CA GLY A 205 6.95 -5.98 12.90
C GLY A 205 7.04 -6.86 14.14
N LEU A 206 7.67 -6.36 15.20
CA LEU A 206 7.77 -7.12 16.44
C LEU A 206 6.44 -7.15 17.18
N CYS A 207 5.65 -6.09 17.09
CA CYS A 207 4.35 -6.07 17.76
C CYS A 207 3.37 -7.02 17.10
N THR A 208 3.31 -7.01 15.77
CA THR A 208 2.43 -7.95 15.07
C THR A 208 2.91 -9.39 15.23
N LEU A 209 4.22 -9.60 15.29
CA LEU A 209 4.74 -10.95 15.52
C LEU A 209 4.33 -11.46 16.90
N PHE A 210 4.34 -10.57 17.90
CA PHE A 210 3.90 -10.96 19.23
C PHE A 210 2.44 -11.39 19.23
N THR A 211 1.62 -10.78 18.38
CA THR A 211 0.22 -11.21 18.26
C THR A 211 0.12 -12.55 17.55
N LEU A 212 0.95 -12.77 16.53
CA LEU A 212 0.95 -14.06 15.83
C LEU A 212 1.44 -15.17 16.74
N ALA A 213 2.44 -14.88 17.57
CA ALA A 213 2.98 -15.90 18.47
C ALA A 213 1.97 -16.31 19.52
N THR A 214 1.37 -15.33 20.20
CA THR A 214 0.39 -15.65 21.23
C THR A 214 -0.78 -16.45 20.69
N PHE A 215 -1.10 -16.27 19.40
CA PHE A 215 -2.20 -17.02 18.81
C PHE A 215 -1.78 -18.46 18.48
N VAL A 216 -0.59 -18.64 17.95
CA VAL A 216 -0.13 -19.99 17.62
C VAL A 216 0.23 -20.76 18.89
N ALA A 217 0.62 -20.05 19.96
CA ALA A 217 0.97 -20.74 21.19
C ALA A 217 -0.26 -21.36 21.85
N ASP A 218 -1.45 -20.82 21.58
CA ASP A 218 -2.71 -21.34 22.11
C ASP A 218 -3.74 -21.46 21.01
N TRP A 219 -3.31 -21.96 19.85
CA TRP A 219 -4.18 -22.00 18.68
C TRP A 219 -5.40 -22.90 18.90
N ARG A 220 -5.30 -23.89 19.77
CA ARG A 220 -6.44 -24.78 20.02
C ARG A 220 -7.65 -23.98 20.50
N ASN A 221 -7.44 -23.01 21.39
CA ASN A 221 -8.52 -22.20 21.92
C ASN A 221 -8.67 -20.85 21.21
N SER A 222 -7.57 -20.29 20.69
CA SER A 222 -7.65 -18.96 20.07
C SER A 222 -8.34 -19.01 18.72
N ASN A 223 -8.47 -20.19 18.11
CA ASN A 223 -9.05 -20.30 16.77
C ASN A 223 -10.56 -20.19 16.75
N ARG A 224 -11.14 -19.25 17.51
CA ARG A 224 -12.53 -18.88 17.38
C ARG A 224 -12.62 -17.53 16.67
N TYR A 225 -13.58 -17.40 15.77
CA TYR A 225 -13.47 -16.38 14.72
C TYR A 225 -13.89 -14.97 15.12
N PRO A 226 -14.78 -14.79 16.10
CA PRO A 226 -15.01 -13.42 16.58
C PRO A 226 -13.75 -12.74 17.07
N ALA A 227 -12.71 -13.50 17.38
CA ALA A 227 -11.45 -12.97 17.90
C ALA A 227 -10.25 -13.31 17.02
N VAL A 228 -10.24 -14.50 16.40
CA VAL A 228 -9.08 -14.90 15.60
C VAL A 228 -8.87 -13.98 14.41
N ILE A 229 -9.87 -13.19 14.06
CA ILE A 229 -9.70 -12.22 12.97
C ILE A 229 -8.54 -11.28 13.27
N LEU A 230 -8.31 -10.97 14.54
CA LEU A 230 -7.15 -10.15 14.90
C LEU A 230 -5.85 -10.83 14.47
N PHE A 231 -5.80 -12.16 14.57
CA PHE A 231 -4.60 -12.88 14.13
C PHE A 231 -4.33 -12.62 12.65
N TYR A 232 -5.39 -12.56 11.83
CA TYR A 232 -5.20 -12.35 10.41
C TYR A 232 -4.90 -10.90 10.07
N VAL A 233 -5.42 -9.95 10.86
CA VAL A 233 -5.07 -8.55 10.64
C VAL A 233 -3.61 -8.30 10.94
N ASN A 234 -3.15 -8.76 12.11
CA ASN A 234 -1.73 -8.64 12.44
C ASN A 234 -0.86 -9.42 11.47
N ALA A 235 -1.39 -10.52 10.91
CA ALA A 235 -0.64 -11.25 9.90
C ALA A 235 -0.45 -10.40 8.64
N CYS A 236 -1.48 -9.64 8.25
CA CYS A 236 -1.35 -8.74 7.12
C CYS A 236 -0.33 -7.66 7.39
N PHE A 237 -0.50 -6.91 8.49
CA PHE A 237 0.43 -5.83 8.78
C PHE A 237 1.84 -6.35 9.03
N PHE A 238 1.97 -7.60 9.47
CA PHE A 238 3.30 -8.19 9.59
C PHE A 238 3.94 -8.39 8.22
N VAL A 239 3.24 -9.10 7.33
CA VAL A 239 3.75 -9.28 5.97
C VAL A 239 3.96 -7.92 5.31
N GLY A 240 3.06 -6.98 5.55
CA GLY A 240 3.25 -5.64 5.02
C GLY A 240 4.50 -4.97 5.55
N SER A 241 4.86 -5.26 6.81
CA SER A 241 6.09 -4.71 7.36
C SER A 241 7.32 -5.37 6.77
N ILE A 242 7.22 -6.63 6.38
CA ILE A 242 8.36 -7.30 5.75
C ILE A 242 8.75 -6.61 4.47
N GLY A 243 7.75 -6.22 3.66
CA GLY A 243 8.04 -5.47 2.44
C GLY A 243 8.64 -4.12 2.71
N TRP A 244 8.29 -3.51 3.84
CA TRP A 244 8.88 -2.21 4.20
C TRP A 244 10.30 -2.34 4.70
N LEU A 245 10.63 -3.46 5.36
CA LEU A 245 11.96 -3.67 5.92
C LEU A 245 12.91 -4.35 4.93
N ALA A 246 12.42 -4.76 3.76
CA ALA A 246 13.27 -5.45 2.80
C ALA A 246 14.38 -4.53 2.27
N GLN A 247 14.14 -3.22 2.25
CA GLN A 247 15.13 -2.29 1.71
C GLN A 247 16.41 -2.24 2.55
N PHE A 248 16.35 -2.67 3.81
CA PHE A 248 17.47 -2.44 4.71
C PHE A 248 18.48 -3.59 4.61
N MET A 249 18.55 -4.22 3.44
CA MET A 249 19.54 -5.23 3.14
C MET A 249 20.60 -4.65 2.21
N ASP A 250 21.72 -5.37 2.11
CA ASP A 250 22.83 -4.89 1.28
C ASP A 250 22.38 -4.80 -0.18
N GLY A 251 22.39 -3.59 -0.71
CA GLY A 251 22.03 -3.39 -2.10
C GLY A 251 20.64 -3.86 -2.46
N ALA A 252 19.73 -3.95 -1.48
CA ALA A 252 18.37 -4.39 -1.77
C ALA A 252 17.49 -3.25 -2.25
N ARG A 253 17.71 -2.03 -1.75
CA ARG A 253 16.88 -0.91 -2.14
C ARG A 253 17.13 -0.51 -3.60
N ARG A 254 18.39 -0.57 -4.04
CA ARG A 254 18.71 -0.22 -5.42
C ARG A 254 18.03 -1.16 -6.40
N GLU A 255 17.81 -2.41 -6.00
CA GLU A 255 17.16 -3.39 -6.87
C GLU A 255 15.65 -3.17 -6.97
N ILE A 256 15.06 -2.44 -6.03
CA ILE A 256 13.61 -2.29 -5.96
C ILE A 256 13.18 -0.96 -6.57
N VAL A 257 14.02 0.06 -6.43
CA VAL A 257 13.64 1.42 -6.81
C VAL A 257 14.30 1.81 -8.13
N CYS A 258 15.48 1.26 -8.40
CA CYS A 258 16.27 1.65 -9.55
C CYS A 258 16.03 0.70 -10.72
N ARG A 259 16.52 1.09 -11.88
CA ARG A 259 16.52 0.27 -13.09
C ARG A 259 17.95 -0.13 -13.43
N ALA A 260 18.10 -0.92 -14.50
CA ALA A 260 19.42 -1.39 -14.89
C ALA A 260 20.29 -0.25 -15.39
N ASP A 261 19.69 0.83 -15.90
CA ASP A 261 20.43 1.97 -16.41
C ASP A 261 20.78 2.98 -15.32
N GLY A 262 20.13 2.92 -14.16
CA GLY A 262 20.39 3.86 -13.09
C GLY A 262 19.33 4.93 -12.91
N THR A 263 18.14 4.74 -13.46
CA THR A 263 17.06 5.71 -13.35
C THR A 263 15.94 5.16 -12.46
N MET A 264 15.05 6.05 -12.04
CA MET A 264 13.95 5.65 -11.18
C MET A 264 13.01 4.70 -11.89
N ARG A 265 12.31 3.88 -11.11
CA ARG A 265 11.29 3.00 -11.65
C ARG A 265 9.94 3.70 -11.69
N PHE A 266 9.19 3.45 -12.75
CA PHE A 266 7.84 3.99 -12.87
C PHE A 266 7.13 3.26 -14.00
N GLY A 267 5.81 3.23 -13.93
CA GLY A 267 5.02 2.56 -14.94
C GLY A 267 5.22 1.07 -14.99
N GLU A 268 5.49 0.44 -13.85
CA GLU A 268 5.64 -1.00 -13.79
C GLU A 268 4.27 -1.67 -13.77
N PRO A 269 4.19 -2.92 -14.22
CA PRO A 269 5.34 -3.69 -14.71
C PRO A 269 5.71 -3.39 -16.16
N THR A 270 6.98 -3.56 -16.50
CA THR A 270 7.43 -3.41 -17.88
C THR A 270 8.01 -4.72 -18.38
N SER A 271 8.81 -4.66 -19.45
CA SER A 271 9.51 -5.82 -19.96
C SER A 271 11.02 -5.64 -19.99
N SER A 272 11.51 -4.47 -19.62
CA SER A 272 12.95 -4.19 -19.65
C SER A 272 13.62 -4.32 -18.30
N GLU A 273 12.86 -4.28 -17.21
CA GLU A 273 13.40 -4.34 -15.86
C GLU A 273 13.04 -5.67 -15.20
N THR A 274 13.47 -5.83 -13.96
CA THR A 274 13.23 -7.06 -13.21
C THR A 274 11.88 -6.96 -12.48
N LEU A 275 11.59 -7.96 -11.65
CA LEU A 275 10.32 -8.04 -10.94
C LEU A 275 10.41 -7.61 -9.49
N SER A 276 11.59 -7.21 -9.02
CA SER A 276 11.75 -6.85 -7.61
C SER A 276 10.85 -5.70 -7.20
N CYS A 277 10.45 -4.84 -8.14
CA CYS A 277 9.60 -3.71 -7.81
C CYS A 277 8.13 -4.13 -7.68
N VAL A 278 7.64 -4.89 -8.67
CA VAL A 278 6.25 -5.34 -8.60
C VAL A 278 6.07 -6.37 -7.49
N ILE A 279 7.12 -7.15 -7.18
CA ILE A 279 7.04 -8.10 -6.08
C ILE A 279 6.83 -7.37 -4.76
N ILE A 280 7.65 -6.35 -4.50
CA ILE A 280 7.53 -5.59 -3.25
C ILE A 280 6.16 -4.91 -3.17
N PHE A 281 5.68 -4.38 -4.29
CA PHE A 281 4.40 -3.68 -4.29
C PHE A 281 3.27 -4.60 -3.85
N VAL A 282 3.22 -5.80 -4.42
CA VAL A 282 2.14 -6.73 -4.06
C VAL A 282 2.21 -7.09 -2.58
N ILE A 283 3.42 -7.24 -2.04
CA ILE A 283 3.57 -7.55 -0.63
C ILE A 283 3.03 -6.43 0.23
N VAL A 284 3.23 -5.18 -0.20
CA VAL A 284 2.84 -4.03 0.61
C VAL A 284 1.36 -3.71 0.41
N TYR A 285 0.94 -3.55 -0.85
CA TYR A 285 -0.43 -3.11 -1.12
C TYR A 285 -1.44 -4.20 -0.75
N TYR A 286 -1.19 -5.44 -1.16
CA TYR A 286 -2.15 -6.50 -0.89
C TYR A 286 -2.27 -6.77 0.60
N ALA A 287 -1.14 -6.84 1.31
CA ALA A 287 -1.19 -7.11 2.74
C ALA A 287 -1.89 -6.00 3.50
N LEU A 288 -1.58 -4.74 3.17
CA LEU A 288 -2.17 -3.62 3.89
C LEU A 288 -3.66 -3.47 3.57
N MET A 289 -4.04 -3.72 2.32
CA MET A 289 -5.46 -3.63 1.96
C MET A 289 -6.25 -4.79 2.55
N ALA A 290 -5.65 -5.98 2.61
CA ALA A 290 -6.32 -7.12 3.22
C ALA A 290 -6.58 -6.88 4.71
N GLY A 291 -5.58 -6.36 5.42
CA GLY A 291 -5.76 -6.06 6.82
C GLY A 291 -6.77 -4.95 7.05
N VAL A 292 -6.86 -4.00 6.11
CA VAL A 292 -7.82 -2.91 6.26
C VAL A 292 -9.24 -3.42 6.11
N VAL A 293 -9.48 -4.33 5.17
CA VAL A 293 -10.82 -4.90 5.02
C VAL A 293 -11.11 -5.88 6.14
N TRP A 294 -10.09 -6.57 6.65
CA TRP A 294 -10.29 -7.39 7.84
C TRP A 294 -10.85 -6.56 8.99
N PHE A 295 -10.48 -5.28 9.06
CA PHE A 295 -11.01 -4.41 10.10
C PHE A 295 -12.52 -4.31 10.02
N VAL A 296 -13.06 -4.17 8.80
CA VAL A 296 -14.51 -4.08 8.63
C VAL A 296 -15.17 -5.41 8.98
N VAL A 297 -14.59 -6.52 8.51
CA VAL A 297 -15.11 -7.83 8.89
C VAL A 297 -15.11 -7.97 10.41
N LEU A 298 -14.07 -7.48 11.06
CA LEU A 298 -13.99 -7.56 12.52
C LEU A 298 -15.10 -6.73 13.16
N THR A 299 -15.28 -5.48 12.71
CA THR A 299 -16.34 -4.64 13.27
C THR A 299 -17.72 -5.27 13.07
N TYR A 300 -17.94 -5.91 11.93
CA TYR A 300 -19.20 -6.60 11.70
C TYR A 300 -19.33 -7.80 12.62
N ALA A 301 -18.26 -8.59 12.76
CA ALA A 301 -18.29 -9.73 13.66
C ALA A 301 -18.57 -9.29 15.09
N TRP A 302 -17.94 -8.20 15.53
CA TRP A 302 -18.23 -7.67 16.86
C TRP A 302 -19.66 -7.17 16.96
N HIS A 303 -20.18 -6.59 15.87
CA HIS A 303 -21.52 -6.03 15.90
C HIS A 303 -22.57 -7.12 16.11
N THR A 304 -22.43 -8.24 15.42
CA THR A 304 -23.42 -9.31 15.51
C THR A 304 -23.22 -10.19 16.74
N SER A 305 -21.99 -10.27 17.25
CA SER A 305 -21.76 -11.06 18.46
C SER A 305 -22.33 -10.38 19.69
N PHE A 306 -22.28 -9.05 19.74
CA PHE A 306 -22.83 -8.33 20.88
C PHE A 306 -24.34 -8.44 20.93
N LYS A 307 -24.99 -8.56 19.77
CA LYS A 307 -26.45 -8.73 19.76
C LYS A 307 -26.87 -9.99 20.51
N ALA A 308 -26.05 -11.04 20.46
CA ALA A 308 -26.33 -12.28 21.16
C ALA A 308 -25.56 -12.38 22.48
N LEU A 309 -25.07 -11.25 23.01
CA LEU A 309 -24.33 -11.27 24.25
C LEU A 309 -25.23 -11.73 25.40
N GLY A 310 -24.64 -12.45 26.35
CA GLY A 310 -25.38 -13.06 27.43
C GLY A 310 -25.65 -14.53 27.25
N THR A 311 -25.46 -15.06 26.05
CA THR A 311 -25.63 -16.47 25.75
C THR A 311 -24.40 -16.99 25.04
N THR A 312 -24.26 -18.32 25.00
CA THR A 312 -23.15 -18.96 24.31
C THR A 312 -23.45 -19.23 22.84
N TYR A 313 -24.42 -18.51 22.27
CA TYR A 313 -24.78 -18.71 20.87
C TYR A 313 -23.78 -18.03 19.95
N GLN A 314 -23.46 -18.69 18.84
CA GLN A 314 -22.51 -18.17 17.86
C GLN A 314 -23.26 -17.74 16.61
N PRO A 315 -23.52 -16.45 16.42
CA PRO A 315 -24.19 -15.99 15.19
C PRO A 315 -23.36 -16.15 13.95
N LEU A 316 -22.06 -16.41 14.08
CA LEU A 316 -21.15 -16.53 12.94
C LEU A 316 -20.87 -17.98 12.58
N SER A 317 -21.81 -18.88 12.84
CA SER A 317 -21.54 -20.31 12.69
C SER A 317 -21.28 -20.69 11.24
N GLY A 318 -21.88 -19.98 10.29
CA GLY A 318 -21.73 -20.33 8.90
C GLY A 318 -21.21 -19.20 8.02
N LYS A 319 -20.62 -18.18 8.64
CA LYS A 319 -20.09 -17.02 7.94
C LYS A 319 -18.57 -16.97 7.94
N THR A 320 -17.90 -18.01 8.43
CA THR A 320 -16.45 -18.00 8.50
C THR A 320 -15.83 -18.03 7.11
N SER A 321 -16.15 -19.08 6.32
CA SER A 321 -15.61 -19.17 4.97
C SER A 321 -16.00 -17.96 4.13
N TYR A 322 -17.19 -17.41 4.35
CA TYR A 322 -17.61 -16.25 3.59
C TYR A 322 -16.76 -15.03 3.91
N PHE A 323 -16.18 -14.99 5.10
CA PHE A 323 -15.31 -13.88 5.47
C PHE A 323 -14.01 -13.91 4.66
N HIS A 324 -13.38 -15.08 4.57
CA HIS A 324 -12.10 -15.16 3.86
C HIS A 324 -12.29 -15.00 2.36
N LEU A 325 -13.35 -15.58 1.79
CA LEU A 325 -13.61 -15.45 0.37
C LEU A 325 -13.88 -14.01 -0.04
N LEU A 326 -14.15 -13.12 0.92
CA LEU A 326 -14.37 -11.72 0.63
C LEU A 326 -13.18 -10.83 0.99
N THR A 327 -12.39 -11.24 1.98
CA THR A 327 -11.26 -10.44 2.43
C THR A 327 -10.00 -10.68 1.62
N TRP A 328 -9.83 -11.89 1.08
CA TRP A 328 -8.64 -12.22 0.30
C TRP A 328 -8.85 -12.02 -1.20
N SER A 329 -10.06 -11.69 -1.64
CA SER A 329 -10.34 -11.48 -3.05
C SER A 329 -10.42 -10.01 -3.44
N LEU A 330 -11.00 -9.17 -2.57
CA LEU A 330 -11.05 -7.74 -2.86
C LEU A 330 -9.67 -7.16 -3.07
N PRO A 331 -8.72 -7.27 -2.13
CA PRO A 331 -7.37 -6.76 -2.39
C PRO A 331 -6.71 -7.40 -3.59
N PHE A 332 -7.15 -8.60 -3.99
CA PHE A 332 -6.57 -9.25 -5.16
C PHE A 332 -7.03 -8.57 -6.44
N VAL A 333 -8.32 -8.27 -6.56
CA VAL A 333 -8.82 -7.57 -7.73
C VAL A 333 -8.21 -6.18 -7.81
N LEU A 334 -8.10 -5.49 -6.67
CA LEU A 334 -7.49 -4.16 -6.66
C LEU A 334 -6.05 -4.23 -7.13
N THR A 335 -5.27 -5.16 -6.60
CA THR A 335 -3.86 -5.28 -6.97
C THR A 335 -3.73 -5.58 -8.47
N VAL A 336 -4.52 -6.53 -8.97
CA VAL A 336 -4.45 -6.88 -10.38
C VAL A 336 -4.83 -5.68 -11.25
N ALA A 337 -5.81 -4.91 -10.81
CA ALA A 337 -6.21 -3.73 -11.57
C ALA A 337 -5.07 -2.72 -11.68
N ILE A 338 -4.32 -2.55 -10.60
CA ILE A 338 -3.17 -1.64 -10.65
C ILE A 338 -2.12 -2.18 -11.62
N LEU A 339 -1.84 -3.48 -11.56
CA LEU A 339 -0.90 -4.07 -12.50
C LEU A 339 -1.39 -3.94 -13.94
N ALA A 340 -2.71 -3.96 -14.14
CA ALA A 340 -3.25 -3.86 -15.49
C ALA A 340 -3.04 -2.47 -16.08
N VAL A 341 -3.24 -1.43 -15.26
CA VAL A 341 -3.02 -0.06 -15.72
C VAL A 341 -1.57 0.38 -15.59
N ALA A 342 -0.71 -0.46 -15.01
CA ALA A 342 0.73 -0.20 -14.94
C ALA A 342 1.02 1.16 -14.31
N GLN A 343 0.72 1.24 -13.01
CA GLN A 343 0.97 2.46 -12.23
C GLN A 343 1.80 2.17 -10.99
N VAL A 344 2.68 1.18 -11.08
CA VAL A 344 3.57 0.83 -9.97
C VAL A 344 4.86 1.62 -10.13
N ASP A 345 5.09 2.56 -9.21
CA ASP A 345 6.26 3.42 -9.22
C ASP A 345 7.17 3.11 -8.05
N GLY A 346 8.39 3.62 -8.12
CA GLY A 346 9.38 3.43 -7.06
C GLY A 346 9.82 4.76 -6.49
N ASP A 347 10.00 4.80 -5.17
CA ASP A 347 10.46 5.99 -4.47
C ASP A 347 11.78 5.70 -3.78
N SER A 348 12.69 6.68 -3.83
CA SER A 348 13.99 6.50 -3.21
C SER A 348 13.95 6.70 -1.70
N VAL A 349 13.11 7.62 -1.22
CA VAL A 349 13.09 7.92 0.20
C VAL A 349 12.34 6.85 0.98
N SER A 350 11.19 6.40 0.47
CA SER A 350 10.43 5.38 1.19
C SER A 350 11.11 4.02 1.11
N GLY A 351 11.66 3.68 -0.05
CA GLY A 351 12.36 2.42 -0.21
C GLY A 351 11.50 1.25 -0.64
N ILE A 352 10.33 1.50 -1.21
CA ILE A 352 9.44 0.45 -1.69
C ILE A 352 8.85 0.90 -3.03
N CYS A 353 8.06 0.02 -3.64
CA CYS A 353 7.28 0.34 -4.83
C CYS A 353 5.81 0.35 -4.47
N PHE A 354 5.10 1.41 -4.89
CA PHE A 354 3.70 1.59 -4.54
C PHE A 354 2.98 2.21 -5.74
N VAL A 355 1.67 2.36 -5.60
CA VAL A 355 0.81 2.89 -6.68
C VAL A 355 0.56 4.36 -6.43
N GLY A 356 0.51 5.14 -7.52
CA GLY A 356 0.17 6.54 -7.43
C GLY A 356 1.32 7.46 -7.07
N TYR A 357 2.56 6.99 -7.14
CA TYR A 357 3.70 7.85 -6.84
C TYR A 357 3.86 8.91 -7.92
N LYS A 358 4.03 8.48 -9.18
CA LYS A 358 4.20 9.42 -10.28
C LYS A 358 2.91 10.17 -10.58
N ASN A 359 1.84 9.43 -10.87
CA ASN A 359 0.53 10.01 -11.13
C ASN A 359 -0.31 9.88 -9.87
N TYR A 360 -0.53 11.00 -9.19
CA TYR A 360 -1.23 10.99 -7.90
C TYR A 360 -2.72 10.70 -8.04
N ARG A 361 -3.27 10.85 -9.25
CA ARG A 361 -4.71 10.63 -9.42
C ARG A 361 -5.10 9.20 -9.08
N TYR A 362 -4.24 8.23 -9.42
CA TYR A 362 -4.57 6.83 -9.18
C TYR A 362 -4.66 6.51 -7.69
N ARG A 363 -3.90 7.23 -6.85
CA ARG A 363 -3.98 7.00 -5.41
C ARG A 363 -5.31 7.42 -4.81
N ALA A 364 -6.17 8.10 -5.58
CA ALA A 364 -7.47 8.51 -5.06
C ALA A 364 -8.46 7.34 -5.06
N GLY A 365 -8.42 6.50 -6.09
CA GLY A 365 -9.36 5.42 -6.21
C GLY A 365 -8.87 4.10 -5.66
N PHE A 366 -7.55 3.90 -5.66
CA PHE A 366 -6.95 2.66 -5.19
C PHE A 366 -6.45 2.75 -3.75
N VAL A 367 -6.57 3.90 -3.11
CA VAL A 367 -6.11 4.05 -1.72
C VAL A 367 -7.16 4.82 -0.92
N LEU A 368 -7.44 6.06 -1.34
CA LEU A 368 -8.41 6.86 -0.61
C LEU A 368 -9.82 6.29 -0.70
N ALA A 369 -10.16 5.64 -1.82
CA ALA A 369 -11.50 5.07 -1.94
C ALA A 369 -11.67 3.86 -1.03
N PRO A 370 -10.82 2.83 -1.09
CA PRO A 370 -11.00 1.70 -0.15
C PRO A 370 -10.89 2.11 1.31
N ILE A 371 -9.98 3.03 1.63
CA ILE A 371 -9.82 3.45 3.02
C ILE A 371 -11.06 4.21 3.50
N GLY A 372 -11.58 5.10 2.66
CA GLY A 372 -12.77 5.86 3.04
C GLY A 372 -13.97 4.96 3.26
N LEU A 373 -14.11 3.92 2.43
CA LEU A 373 -15.26 3.03 2.55
C LEU A 373 -15.20 2.21 3.84
N VAL A 374 -14.01 1.73 4.20
CA VAL A 374 -13.88 0.96 5.43
C VAL A 374 -14.05 1.84 6.66
N LEU A 375 -13.90 3.16 6.51
CA LEU A 375 -14.12 4.06 7.63
C LEU A 375 -15.60 4.31 7.88
N ILE A 376 -16.42 4.29 6.83
CA ILE A 376 -17.85 4.52 6.99
C ILE A 376 -18.54 3.25 7.47
N VAL A 377 -18.33 2.14 6.76
CA VAL A 377 -18.96 0.88 7.15
C VAL A 377 -18.31 0.35 8.42
N GLY A 378 -16.99 0.35 8.48
CA GLY A 378 -16.30 -0.09 9.68
C GLY A 378 -16.64 0.77 10.89
N GLY A 379 -16.72 2.08 10.69
CA GLY A 379 -17.09 2.97 11.77
C GLY A 379 -18.54 2.83 12.18
N TYR A 380 -19.41 2.45 11.23
CA TYR A 380 -20.81 2.24 11.55
C TYR A 380 -20.99 1.08 12.52
N PHE A 381 -20.48 -0.09 12.15
CA PHE A 381 -20.56 -1.24 13.05
C PHE A 381 -19.85 -0.96 14.37
N LEU A 382 -18.74 -0.22 14.33
CA LEU A 382 -18.02 0.10 15.55
C LEU A 382 -18.90 0.91 16.51
N ILE A 383 -19.52 1.98 16.00
CA ILE A 383 -20.41 2.78 16.83
C ILE A 383 -21.63 1.97 17.23
N ARG A 384 -22.21 1.22 16.29
CA ARG A 384 -23.38 0.40 16.61
C ARG A 384 -23.04 -0.65 17.64
N GLY A 385 -21.87 -1.27 17.53
CA GLY A 385 -21.48 -2.29 18.49
C GLY A 385 -21.36 -1.75 19.90
N VAL A 386 -20.81 -0.54 20.05
CA VAL A 386 -20.69 0.05 21.36
C VAL A 386 -22.07 0.41 21.91
N MET A 387 -22.99 0.83 21.05
CA MET A 387 -24.35 1.13 21.51
C MET A 387 -24.99 -0.09 22.16
N THR A 388 -24.85 -1.26 21.53
CA THR A 388 -25.40 -2.47 22.12
C THR A 388 -24.72 -2.79 23.45
N LEU A 389 -23.40 -2.63 23.51
CA LEU A 389 -22.69 -2.85 24.76
C LEU A 389 -23.11 -1.84 25.82
N PHE A 390 -23.50 -0.63 25.41
CA PHE A 390 -23.96 0.36 26.36
C PHE A 390 -25.39 0.13 26.81
N SER A 391 -26.20 -0.55 25.98
CA SER A 391 -27.56 -0.87 26.38
C SER A 391 -27.60 -1.96 27.44
N ILE A 392 -26.61 -2.85 27.43
CA ILE A 392 -26.58 -3.93 28.43
C ILE A 392 -26.41 -3.36 29.83
N LYS A 393 -25.48 -2.41 29.98
CA LYS A 393 -25.28 -1.79 31.29
C LYS A 393 -26.55 -1.08 31.79
N SER A 394 -27.36 -0.55 30.87
CA SER A 394 -28.57 0.17 31.24
C SER A 394 -29.78 -0.74 31.35
N ASN A 395 -29.87 -1.76 30.49
CA ASN A 395 -31.02 -2.65 30.50
C ASN A 395 -30.95 -3.70 31.60
N HIS A 396 -29.75 -4.06 32.06
CA HIS A 396 -29.56 -5.08 33.09
C HIS A 396 -28.59 -4.53 34.14
N PRO A 397 -29.08 -3.76 35.10
CA PRO A 397 -28.20 -3.23 36.15
C PRO A 397 -28.19 -4.13 37.39
N GLY A 398 -27.00 -4.54 37.81
CA GLY A 398 -26.85 -5.35 39.00
C GLY A 398 -26.97 -6.85 38.79
N LEU A 399 -27.31 -7.30 37.58
CA LEU A 399 -27.39 -8.74 37.33
C LEU A 399 -26.02 -9.38 37.39
N LEU A 400 -25.09 -8.89 36.59
CA LEU A 400 -23.71 -9.36 36.61
C LEU A 400 -22.80 -8.17 36.94
N SER A 401 -21.92 -8.41 37.87
CA SER A 401 -21.00 -7.40 38.27
C SER A 401 -19.65 -8.01 38.41
N GLU A 402 -18.81 -7.29 39.14
CA GLU A 402 -17.44 -7.63 39.40
C GLU A 402 -16.72 -7.71 38.09
N LYS A 403 -16.12 -8.86 37.83
CA LYS A 403 -15.34 -9.00 36.63
C LYS A 403 -16.14 -8.76 35.36
N ALA A 404 -17.36 -9.23 35.31
CA ALA A 404 -18.14 -9.06 34.11
C ALA A 404 -18.39 -7.62 33.80
N ALA A 405 -18.72 -6.85 34.80
CA ALA A 405 -18.99 -5.48 34.54
C ALA A 405 -17.73 -4.76 34.07
N SER A 406 -16.62 -5.10 34.67
CA SER A 406 -15.38 -4.45 34.26
C SER A 406 -14.98 -4.82 32.84
N LYS A 407 -15.30 -6.04 32.40
CA LYS A 407 -14.94 -6.46 31.05
C LYS A 407 -15.70 -5.68 29.99
N ILE A 408 -16.97 -5.33 30.27
CA ILE A 408 -17.76 -4.58 29.30
C ILE A 408 -17.25 -3.16 29.18
N ASN A 409 -17.09 -2.48 30.31
CA ASN A 409 -16.59 -1.10 30.28
C ASN A 409 -15.18 -1.05 29.69
N GLU A 410 -14.30 -1.97 30.10
CA GLU A 410 -12.95 -1.99 29.55
C GLU A 410 -12.97 -2.23 28.04
N THR A 411 -13.92 -3.02 27.55
CA THR A 411 -14.02 -3.23 26.11
C THR A 411 -14.60 -2.01 25.41
N MET A 412 -15.60 -1.38 26.02
CA MET A 412 -16.13 -0.14 25.45
C MET A 412 -15.04 0.91 25.32
N LEU A 413 -14.19 1.02 26.35
CA LEU A 413 -13.08 1.97 26.29
C LEU A 413 -12.05 1.52 25.26
N ARG A 414 -11.81 0.21 25.15
CA ARG A 414 -10.86 -0.28 24.17
C ARG A 414 -11.34 -0.04 22.74
N LEU A 415 -12.66 -0.14 22.53
CA LEU A 415 -13.22 0.16 21.21
C LEU A 415 -13.30 1.67 20.97
N GLY A 416 -13.41 2.47 22.03
CA GLY A 416 -13.45 3.91 21.85
C GLY A 416 -12.12 4.47 21.39
N ILE A 417 -11.06 4.11 22.10
CA ILE A 417 -9.74 4.56 21.75
C ILE A 417 -9.30 3.95 20.46
N PHE A 418 -10.03 2.99 19.96
CA PHE A 418 -9.62 2.37 18.75
C PHE A 418 -10.24 3.06 17.58
N GLY A 419 -11.45 3.57 17.74
CA GLY A 419 -12.12 4.22 16.65
C GLY A 419 -11.64 5.64 16.50
N PHE A 420 -11.14 6.18 17.59
CA PHE A 420 -10.65 7.53 17.59
C PHE A 420 -9.35 7.50 16.85
N LEU A 421 -8.63 6.44 17.08
CA LEU A 421 -7.32 6.22 16.47
C LEU A 421 -7.44 5.95 14.98
N ALA A 422 -8.41 5.12 14.58
CA ALA A 422 -8.60 4.83 13.16
C ALA A 422 -9.19 6.03 12.44
N PHE A 423 -10.12 6.75 13.09
CA PHE A 423 -10.70 7.93 12.47
C PHE A 423 -9.65 9.00 12.21
N GLY A 424 -8.73 9.18 13.16
CA GLY A 424 -7.69 10.19 12.98
C GLY A 424 -6.66 9.78 11.94
N PHE A 425 -6.24 8.51 11.97
CA PHE A 425 -5.26 8.05 10.98
C PHE A 425 -5.79 8.18 9.56
N VAL A 426 -7.11 7.99 9.38
CA VAL A 426 -7.69 8.20 8.05
C VAL A 426 -7.76 9.68 7.74
N LEU A 427 -8.06 10.52 8.74
CA LEU A 427 -8.00 11.95 8.53
C LEU A 427 -6.59 12.40 8.17
N ILE A 428 -5.59 11.79 8.79
CA ILE A 428 -4.20 12.12 8.46
C ILE A 428 -3.88 11.73 7.02
N THR A 429 -4.32 10.54 6.61
CA THR A 429 -4.03 10.08 5.25
C THR A 429 -4.71 10.97 4.21
N PHE A 430 -5.97 11.32 4.43
CA PHE A 430 -6.65 12.21 3.50
C PHE A 430 -6.01 13.59 3.47
N SER A 431 -5.51 14.06 4.62
CA SER A 431 -4.81 15.33 4.63
C SER A 431 -3.51 15.25 3.83
N CYS A 432 -2.73 14.18 4.03
CA CYS A 432 -1.48 14.05 3.29
C CYS A 432 -1.72 13.87 1.80
N HIS A 433 -2.74 13.10 1.43
CA HIS A 433 -3.03 12.90 0.02
C HIS A 433 -3.47 14.21 -0.64
N PHE A 434 -4.40 14.93 0.00
CA PHE A 434 -4.82 16.22 -0.53
C PHE A 434 -3.64 17.18 -0.64
N TYR A 435 -2.65 17.03 0.24
CA TYR A 435 -1.45 17.86 0.14
C TYR A 435 -0.67 17.55 -1.14
N ASP A 436 -0.53 16.26 -1.47
CA ASP A 436 0.14 15.88 -2.71
C ASP A 436 -0.72 16.16 -3.92
N PHE A 437 -2.05 16.07 -3.78
CA PHE A 437 -2.93 16.37 -4.90
C PHE A 437 -2.87 17.85 -5.28
N PHE A 438 -2.55 18.72 -4.32
CA PHE A 438 -2.61 20.16 -4.54
C PHE A 438 -1.28 20.77 -4.93
N ASN A 439 -0.16 20.11 -4.65
CA ASN A 439 1.15 20.67 -4.92
C ASN A 439 2.03 19.83 -5.83
N GLN A 440 1.64 18.60 -6.16
CA GLN A 440 2.49 17.77 -7.00
C GLN A 440 2.64 18.37 -8.39
N ALA A 441 1.58 18.99 -8.91
CA ALA A 441 1.70 19.68 -10.20
C ALA A 441 2.72 20.81 -10.12
N GLU A 442 2.70 21.59 -9.03
CA GLU A 442 3.69 22.64 -8.84
C GLU A 442 5.08 22.05 -8.63
N TRP A 443 5.17 20.94 -7.90
CA TRP A 443 6.45 20.27 -7.72
C TRP A 443 7.04 19.86 -9.07
N GLU A 444 6.20 19.35 -9.97
CA GLU A 444 6.68 18.90 -11.27
C GLU A 444 7.20 20.07 -12.09
N ARG A 445 6.52 21.23 -12.02
CA ARG A 445 7.03 22.43 -12.68
C ARG A 445 8.38 22.83 -12.11
N SER A 446 8.50 22.86 -10.79
CA SER A 446 9.74 23.30 -10.17
C SER A 446 10.94 22.51 -10.70
N PHE A 447 10.80 21.19 -10.75
CA PHE A 447 11.90 20.36 -11.22
C PHE A 447 12.19 20.60 -12.70
N ARG A 448 11.15 20.81 -13.50
CA ARG A 448 11.36 21.08 -14.92
C ARG A 448 12.13 22.38 -15.12
N ASP A 449 11.67 23.47 -14.49
CA ASP A 449 12.38 24.73 -14.57
C ASP A 449 13.80 24.61 -14.01
N TYR A 450 13.99 23.74 -13.00
CA TYR A 450 15.31 23.52 -12.46
C TYR A 450 16.23 22.83 -13.46
N VAL A 451 15.68 22.01 -14.35
CA VAL A 451 16.50 21.36 -15.35
C VAL A 451 16.80 22.31 -16.51
N LEU A 452 15.93 23.29 -16.74
CA LEU A 452 16.16 24.25 -17.82
C LEU A 452 17.27 25.24 -17.45
N CYS A 453 17.21 25.80 -16.24
CA CYS A 453 18.21 26.77 -15.81
C CYS A 453 19.61 26.17 -15.84
N GLN A 454 19.74 24.90 -15.46
CA GLN A 454 21.06 24.28 -15.36
C GLN A 454 21.83 24.40 -16.67
N ALA A 455 21.15 24.19 -17.80
CA ALA A 455 21.76 24.39 -19.11
C ALA A 455 21.66 25.84 -19.59
N ASN A 456 20.78 26.64 -18.99
CA ASN A 456 20.58 28.01 -19.42
C ASN A 456 21.61 28.95 -18.80
N VAL A 457 22.12 28.62 -17.62
CA VAL A 457 23.04 29.49 -16.88
C VAL A 457 24.49 29.04 -17.06
N THR A 458 24.74 27.74 -16.95
CA THR A 458 26.10 27.23 -16.97
C THR A 458 26.73 27.36 -18.35
N ILE A 459 26.25 26.57 -19.31
CA ILE A 459 26.78 26.62 -20.67
C ILE A 459 26.17 27.80 -21.41
N GLY A 460 26.82 28.95 -21.32
CA GLY A 460 26.33 30.16 -21.97
C GLY A 460 25.85 31.22 -20.99
N ASP A 469 23.44 30.29 -8.79
CA ASP A 469 23.18 28.89 -9.13
C ASP A 469 21.69 28.58 -9.10
N CYS A 470 21.29 27.51 -9.77
CA CYS A 470 19.91 27.06 -9.76
C CYS A 470 19.48 26.67 -8.35
N GLU A 471 18.17 26.54 -8.17
CA GLU A 471 17.60 26.08 -6.91
C GLU A 471 16.17 25.61 -7.15
N ILE A 472 15.80 24.51 -6.50
CA ILE A 472 14.45 23.97 -6.66
C ILE A 472 13.46 24.85 -5.92
N LYS A 473 12.37 25.23 -6.61
CA LYS A 473 11.37 26.10 -6.01
C LYS A 473 10.64 25.40 -4.88
N ASN A 474 9.96 24.30 -5.19
CA ASN A 474 9.16 23.58 -4.21
C ASN A 474 9.47 22.09 -4.27
N ARG A 475 9.35 21.43 -3.14
CA ARG A 475 9.57 20.00 -3.02
C ARG A 475 8.60 19.44 -1.99
N PRO A 476 8.32 18.14 -2.05
CA PRO A 476 7.43 17.54 -1.04
C PRO A 476 8.01 17.70 0.36
N SER A 477 7.11 17.73 1.35
CA SER A 477 7.51 17.87 2.74
C SER A 477 7.83 16.51 3.33
N LEU A 478 9.04 16.38 3.90
CA LEU A 478 9.41 15.13 4.55
C LEU A 478 8.61 14.90 5.81
N LEU A 479 8.27 15.96 6.54
CA LEU A 479 7.45 15.82 7.74
C LEU A 479 6.10 15.21 7.39
N VAL A 480 5.46 15.72 6.33
CA VAL A 480 4.18 15.15 5.90
C VAL A 480 4.34 13.68 5.58
N GLU A 481 5.45 13.31 4.93
CA GLU A 481 5.69 11.91 4.61
C GLU A 481 5.80 11.07 5.89
N LYS A 482 6.48 11.59 6.90
CA LYS A 482 6.58 10.87 8.17
C LYS A 482 5.23 10.80 8.85
N ILE A 483 4.50 11.91 8.90
CA ILE A 483 3.17 11.91 9.49
C ILE A 483 2.27 10.91 8.78
N ASN A 484 2.42 10.79 7.46
CA ASN A 484 1.61 9.83 6.71
C ASN A 484 2.01 8.40 7.04
N LEU A 485 3.31 8.15 7.20
CA LEU A 485 3.76 6.83 7.63
C LEU A 485 3.36 6.54 9.08
N PHE A 486 3.34 7.58 9.92
CA PHE A 486 2.91 7.40 11.30
C PHE A 486 1.52 6.80 11.36
N ALA A 487 0.61 7.28 10.51
CA ALA A 487 -0.73 6.71 10.47
C ALA A 487 -0.72 5.29 9.92
N MET A 488 0.21 4.97 9.03
CA MET A 488 0.32 3.62 8.50
C MET A 488 0.85 2.66 9.56
N PHE A 489 2.07 2.91 10.05
CA PHE A 489 2.64 2.05 11.08
C PHE A 489 1.81 2.08 12.36
N GLY A 490 1.26 3.25 12.70
CA GLY A 490 0.43 3.34 13.89
C GLY A 490 -0.76 2.39 13.85
N THR A 491 -1.28 2.12 12.66
CA THR A 491 -2.41 1.21 12.54
C THR A 491 -1.99 -0.23 12.85
N GLY A 492 -0.80 -0.63 12.40
CA GLY A 492 -0.33 -1.97 12.72
C GLY A 492 -0.06 -2.17 14.19
N ILE A 493 0.48 -1.15 14.86
CA ILE A 493 0.73 -1.26 16.29
C ILE A 493 -0.58 -1.21 17.06
N ALA A 494 -1.57 -0.49 16.55
CA ALA A 494 -2.87 -0.45 17.21
C ALA A 494 -3.57 -1.79 17.15
N MET A 495 -3.37 -2.56 16.07
CA MET A 495 -3.99 -3.86 15.96
C MET A 495 -3.37 -4.86 16.94
N SER A 496 -2.10 -4.69 17.28
CA SER A 496 -1.41 -5.63 18.16
C SER A 496 -1.66 -5.35 19.64
N THR A 497 -2.26 -4.21 19.99
CA THR A 497 -2.53 -3.88 21.38
C THR A 497 -3.70 -4.65 21.96
N TRP A 498 -4.42 -5.42 21.15
CA TRP A 498 -5.57 -6.16 21.64
C TRP A 498 -5.19 -7.41 22.43
N VAL A 499 -3.96 -7.90 22.28
CA VAL A 499 -3.47 -9.01 23.07
C VAL A 499 -2.56 -8.55 24.20
N TRP A 500 -2.49 -7.24 24.44
CA TRP A 500 -1.69 -6.69 25.54
C TRP A 500 -2.51 -6.75 26.83
N THR A 501 -2.78 -7.98 27.27
CA THR A 501 -3.59 -8.23 28.45
C THR A 501 -2.85 -9.17 29.39
N LYS A 502 -3.35 -9.26 30.62
CA LYS A 502 -2.77 -10.17 31.59
C LYS A 502 -3.00 -11.63 31.23
N ALA A 503 -4.01 -11.93 30.41
CA ALA A 503 -4.27 -13.31 30.01
C ALA A 503 -3.20 -13.83 29.06
N THR A 504 -2.67 -12.97 28.19
CA THR A 504 -1.62 -13.41 27.27
C THR A 504 -0.28 -13.59 27.98
N LEU A 505 -0.03 -12.79 29.02
CA LEU A 505 1.21 -12.97 29.79
C LEU A 505 1.26 -14.36 30.42
N LEU A 506 0.11 -14.88 30.85
CA LEU A 506 0.06 -16.23 31.40
C LEU A 506 0.28 -17.28 30.32
N ILE A 507 -0.04 -16.96 29.06
CA ILE A 507 0.15 -17.91 27.98
C ILE A 507 1.64 -18.14 27.74
N TRP A 508 2.44 -17.07 27.83
CA TRP A 508 3.88 -17.22 27.65
C TRP A 508 4.57 -17.69 28.92
N ARG A 509 3.99 -17.40 30.09
CA ARG A 509 4.54 -17.94 31.33
C ARG A 509 4.35 -19.46 31.40
N ARG A 510 3.33 -19.99 30.73
CA ARG A 510 3.12 -21.43 30.71
C ARG A 510 4.06 -22.12 29.73
N THR A 511 4.33 -21.48 28.58
CA THR A 511 5.24 -22.07 27.61
C THR A 511 6.67 -22.11 28.12
N TRP A 512 7.06 -21.12 28.93
CA TRP A 512 8.42 -21.11 29.48
C TRP A 512 8.61 -22.23 30.49
N CYS A 513 7.60 -22.49 31.33
CA CYS A 513 7.69 -23.57 32.30
C CYS A 513 7.89 -24.91 31.60
N ARG A 514 7.15 -25.14 30.52
CA ARG A 514 7.27 -26.37 29.73
C ARG A 514 8.48 -26.28 28.80
N LEU A 515 9.64 -26.02 29.40
CA LEU A 515 10.86 -25.85 28.64
C LEU A 515 12.09 -25.99 29.52
N GLN B 1 -12.26 -19.05 37.61
CA GLN B 1 -12.28 -20.47 37.26
C GLN B 1 -13.43 -21.19 37.96
N VAL B 2 -14.23 -21.92 37.19
CA VAL B 2 -15.37 -22.66 37.71
C VAL B 2 -15.36 -24.06 37.12
N GLN B 3 -15.80 -25.03 37.93
CA GLN B 3 -15.91 -26.41 37.51
C GLN B 3 -17.39 -26.81 37.45
N LEU B 4 -17.79 -27.37 36.32
CA LEU B 4 -19.17 -27.80 36.11
C LEU B 4 -19.29 -29.31 36.35
N GLN B 5 -20.52 -29.74 36.60
CA GLN B 5 -20.80 -31.15 36.86
C GLN B 5 -22.21 -31.45 36.38
N GLU B 6 -22.32 -32.20 35.28
CA GLU B 6 -23.61 -32.57 34.73
C GLU B 6 -24.14 -33.84 35.40
N SER B 7 -25.46 -34.01 35.34
CA SER B 7 -26.10 -35.17 35.93
C SER B 7 -27.44 -35.39 35.26
N GLY B 8 -27.96 -36.61 35.42
CA GLY B 8 -29.25 -36.98 34.86
C GLY B 8 -29.16 -37.83 33.61
N GLY B 9 -27.97 -38.02 33.05
CA GLY B 9 -27.84 -38.83 31.86
C GLY B 9 -28.12 -40.30 32.11
N GLY B 10 -28.36 -41.01 31.02
CA GLY B 10 -28.66 -42.43 31.10
C GLY B 10 -29.34 -42.91 29.83
N LEU B 11 -29.61 -44.21 29.81
CA LEU B 11 -30.26 -44.85 28.68
C LEU B 11 -31.78 -44.72 28.81
N VAL B 12 -32.43 -44.49 27.68
CA VAL B 12 -33.87 -44.27 27.63
C VAL B 12 -34.40 -44.80 26.30
N GLN B 13 -35.72 -44.92 26.20
CA GLN B 13 -36.37 -45.39 24.99
C GLN B 13 -36.79 -44.21 24.11
N ALA B 14 -37.15 -44.52 22.87
CA ALA B 14 -37.61 -43.49 21.94
C ALA B 14 -38.95 -42.93 22.40
N GLY B 15 -39.12 -41.62 22.23
CA GLY B 15 -40.34 -40.95 22.63
C GLY B 15 -40.46 -40.65 24.10
N GLY B 16 -39.38 -40.81 24.87
CA GLY B 16 -39.40 -40.55 26.29
C GLY B 16 -38.84 -39.17 26.63
N SER B 17 -38.87 -38.86 27.92
CA SER B 17 -38.43 -37.57 28.44
C SER B 17 -37.26 -37.77 29.39
N LEU B 18 -36.40 -36.75 29.46
CA LEU B 18 -35.27 -36.77 30.37
C LEU B 18 -34.97 -35.33 30.79
N ARG B 19 -34.36 -35.18 31.97
CA ARG B 19 -34.03 -33.87 32.51
C ARG B 19 -32.57 -33.88 32.95
N LEU B 20 -31.74 -33.08 32.28
CA LEU B 20 -30.34 -32.91 32.64
C LEU B 20 -30.14 -31.60 33.37
N SER B 21 -29.21 -31.61 34.32
CA SER B 21 -28.86 -30.43 35.10
C SER B 21 -27.36 -30.21 35.06
N CYS B 22 -26.96 -28.96 35.29
CA CYS B 22 -25.55 -28.58 35.28
C CYS B 22 -25.27 -27.71 36.50
N ALA B 23 -24.66 -28.31 37.52
CA ALA B 23 -24.31 -27.58 38.74
C ALA B 23 -22.90 -27.00 38.61
N ALA B 24 -22.76 -25.73 38.96
CA ALA B 24 -21.51 -25.00 38.84
C ALA B 24 -20.94 -24.77 40.23
N SER B 25 -19.86 -25.46 40.56
CA SER B 25 -19.18 -25.29 41.85
C SER B 25 -18.52 -23.92 41.88
N GLY B 26 -19.16 -22.96 42.54
CA GLY B 26 -18.63 -21.62 42.61
C GLY B 26 -19.74 -20.57 42.61
N TYR B 27 -19.53 -19.48 43.36
CA TYR B 27 -20.55 -18.45 43.47
C TYR B 27 -20.75 -17.70 42.15
N ILE B 28 -19.77 -17.70 41.26
CA ILE B 28 -19.85 -16.96 40.01
C ILE B 28 -20.67 -17.75 38.99
N PHE B 29 -21.99 -17.58 39.03
CA PHE B 29 -22.90 -18.18 38.08
C PHE B 29 -23.58 -17.19 37.15
N SER B 30 -23.76 -15.94 37.61
CA SER B 30 -24.43 -14.94 36.80
C SER B 30 -23.48 -14.29 35.79
N SER B 31 -22.29 -13.91 36.23
CA SER B 31 -21.31 -13.26 35.36
C SER B 31 -20.79 -14.17 34.25
N TYR B 32 -21.36 -15.35 34.04
CA TYR B 32 -20.95 -16.25 32.98
C TYR B 32 -22.18 -16.66 32.16
N ALA B 33 -22.05 -16.62 30.84
CA ALA B 33 -23.09 -17.13 29.97
C ALA B 33 -22.92 -18.64 29.81
N MET B 34 -24.03 -19.37 29.86
CA MET B 34 -23.99 -20.82 29.87
C MET B 34 -24.97 -21.39 28.85
N GLY B 35 -24.66 -22.60 28.38
CA GLY B 35 -25.49 -23.28 27.40
C GLY B 35 -25.16 -24.75 27.37
N TRP B 36 -26.01 -25.50 26.67
CA TRP B 36 -25.85 -26.94 26.54
C TRP B 36 -25.34 -27.31 25.16
N TYR B 37 -24.41 -28.26 25.12
CA TYR B 37 -23.85 -28.78 23.87
C TYR B 37 -23.85 -30.30 23.92
N ARG B 38 -23.73 -30.91 22.74
CA ARG B 38 -23.68 -32.36 22.63
C ARG B 38 -22.69 -32.75 21.55
N GLN B 39 -21.97 -33.85 21.78
CA GLN B 39 -20.96 -34.34 20.85
C GLN B 39 -21.06 -35.85 20.77
N ALA B 40 -21.27 -36.37 19.57
CA ALA B 40 -21.31 -37.80 19.35
C ALA B 40 -19.90 -38.37 19.32
N PRO B 41 -19.76 -39.69 19.45
CA PRO B 41 -18.42 -40.30 19.44
C PRO B 41 -17.69 -40.16 18.11
N GLY B 42 -18.35 -39.68 17.06
CA GLY B 42 -17.71 -39.51 15.77
C GLY B 42 -18.11 -38.22 15.08
N LYS B 43 -18.61 -37.25 15.85
CA LYS B 43 -19.03 -35.97 15.32
C LYS B 43 -18.45 -34.85 16.15
N GLU B 44 -18.43 -33.65 15.57
CA GLU B 44 -17.92 -32.48 16.26
C GLU B 44 -18.95 -31.96 17.27
N ARG B 45 -18.48 -31.13 18.19
CA ARG B 45 -19.36 -30.56 19.20
C ARG B 45 -20.46 -29.74 18.54
N GLU B 46 -21.70 -30.07 18.88
CA GLU B 46 -22.88 -29.45 18.30
C GLU B 46 -23.58 -28.56 19.32
N PHE B 47 -24.21 -27.50 18.83
CA PHE B 47 -24.93 -26.57 19.69
C PHE B 47 -26.34 -27.07 19.98
N VAL B 48 -26.78 -26.89 21.22
CA VAL B 48 -28.10 -27.36 21.64
C VAL B 48 -28.97 -26.17 22.01
N ALA B 49 -28.78 -25.63 23.21
CA ALA B 49 -29.63 -24.54 23.69
C ALA B 49 -28.83 -23.62 24.59
N THR B 50 -29.35 -22.41 24.76
CA THR B 50 -28.74 -21.41 25.63
C THR B 50 -29.83 -20.57 26.27
N ILE B 51 -29.47 -19.92 27.38
CA ILE B 51 -30.40 -19.10 28.15
C ILE B 51 -29.77 -17.73 28.36
N GLY B 52 -30.56 -16.67 28.11
CA GLY B 52 -30.10 -15.32 28.26
C GLY B 52 -30.47 -14.72 29.61
N TRP B 53 -30.25 -13.41 29.73
CA TRP B 53 -30.58 -12.72 30.97
C TRP B 53 -32.05 -12.85 31.31
N GLY B 54 -32.92 -12.62 30.32
CA GLY B 54 -34.34 -12.75 30.54
C GLY B 54 -34.93 -13.98 29.89
N THR B 55 -36.05 -13.80 29.19
CA THR B 55 -36.68 -14.90 28.47
C THR B 55 -35.95 -15.26 27.18
N ILE B 56 -34.82 -14.63 26.89
CA ILE B 56 -34.10 -14.88 25.65
C ILE B 56 -33.56 -16.30 25.66
N THR B 57 -33.84 -17.05 24.60
CA THR B 57 -33.36 -18.42 24.47
C THR B 57 -33.10 -18.73 23.00
N TYR B 58 -32.10 -19.59 22.77
CA TYR B 58 -31.75 -20.05 21.44
C TYR B 58 -31.71 -21.57 21.42
N TYR B 59 -32.28 -22.17 20.38
CA TYR B 59 -32.30 -23.62 20.22
C TYR B 59 -31.81 -23.99 18.83
N ALA B 60 -31.43 -25.25 18.67
CA ALA B 60 -31.03 -25.76 17.38
C ALA B 60 -32.26 -26.10 16.54
N ASP B 61 -32.03 -26.36 15.25
CA ASP B 61 -33.14 -26.72 14.36
C ASP B 61 -33.76 -28.05 14.77
N SER B 62 -32.94 -29.07 14.96
CA SER B 62 -33.41 -30.38 15.37
C SER B 62 -33.69 -30.47 16.86
N VAL B 63 -33.68 -29.35 17.58
CA VAL B 63 -33.87 -29.36 19.02
C VAL B 63 -35.06 -28.48 19.40
N LYS B 64 -35.27 -27.40 18.63
CA LYS B 64 -36.34 -26.47 18.96
C LYS B 64 -37.68 -27.17 18.95
N GLY B 65 -38.49 -26.92 19.99
CA GLY B 65 -39.78 -27.54 20.11
C GLY B 65 -39.81 -28.64 21.16
N ARG B 66 -38.86 -29.56 21.09
CA ARG B 66 -38.80 -30.68 22.01
C ARG B 66 -38.01 -30.37 23.28
N PHE B 67 -36.97 -29.55 23.17
CA PHE B 67 -36.11 -29.22 24.29
C PHE B 67 -36.56 -27.92 24.97
N THR B 68 -36.22 -27.81 26.25
CA THR B 68 -36.54 -26.63 27.05
C THR B 68 -35.42 -26.39 28.04
N ILE B 69 -34.97 -25.15 28.13
CA ILE B 69 -33.85 -24.78 28.99
C ILE B 69 -34.32 -23.73 29.99
N SER B 70 -33.87 -23.87 31.23
CA SER B 70 -34.19 -22.92 32.29
C SER B 70 -33.06 -22.92 33.30
N ARG B 71 -32.84 -21.77 33.93
CA ARG B 71 -31.77 -21.59 34.89
C ARG B 71 -32.34 -21.28 36.27
N ASP B 72 -31.59 -21.67 37.29
CA ASP B 72 -31.92 -21.38 38.68
C ASP B 72 -30.79 -20.53 39.24
N ASN B 73 -30.97 -19.21 39.21
CA ASN B 73 -29.93 -18.30 39.66
C ASN B 73 -29.54 -18.57 41.11
N ALA B 74 -30.51 -18.97 41.95
CA ALA B 74 -30.21 -19.19 43.36
C ALA B 74 -29.37 -20.45 43.56
N LYS B 75 -29.68 -21.53 42.84
CA LYS B 75 -29.01 -22.81 43.02
C LYS B 75 -27.79 -22.99 42.13
N ASN B 76 -27.41 -21.98 41.35
CA ASN B 76 -26.29 -22.08 40.43
C ASN B 76 -26.38 -23.36 39.60
N THR B 77 -27.54 -23.56 38.98
CA THR B 77 -27.80 -24.77 38.21
C THR B 77 -28.60 -24.42 36.96
N VAL B 78 -28.26 -25.06 35.85
CA VAL B 78 -28.96 -24.88 34.58
C VAL B 78 -29.55 -26.22 34.17
N TYR B 79 -30.81 -26.22 33.78
CA TYR B 79 -31.54 -27.43 33.45
C TYR B 79 -31.86 -27.49 31.97
N LEU B 80 -31.93 -28.72 31.44
CA LEU B 80 -32.31 -28.97 30.06
C LEU B 80 -33.39 -30.06 30.06
N GLN B 81 -34.64 -29.65 29.82
CA GLN B 81 -35.77 -30.57 29.83
C GLN B 81 -35.95 -31.14 28.44
N MET B 82 -35.44 -32.36 28.23
CA MET B 82 -35.59 -33.05 26.95
C MET B 82 -36.88 -33.85 26.94
N ASN B 83 -37.64 -33.73 25.85
CA ASN B 83 -38.90 -34.43 25.70
C ASN B 83 -38.97 -35.07 24.31
N SER B 84 -39.65 -36.21 24.24
CA SER B 84 -39.79 -36.96 22.99
C SER B 84 -38.42 -37.16 22.32
N LEU B 85 -37.57 -37.90 23.00
CA LEU B 85 -36.21 -38.13 22.52
C LEU B 85 -36.20 -39.09 21.34
N LYS B 86 -35.40 -38.76 20.34
CA LYS B 86 -35.20 -39.61 19.17
C LYS B 86 -33.82 -40.27 19.22
N PRO B 87 -33.65 -41.42 18.58
CA PRO B 87 -32.34 -42.09 18.64
C PRO B 87 -31.20 -41.25 18.11
N GLU B 88 -31.47 -40.30 17.20
CA GLU B 88 -30.41 -39.44 16.69
C GLU B 88 -29.94 -38.42 17.71
N ASP B 89 -30.57 -38.34 18.88
CA ASP B 89 -30.12 -37.46 19.95
C ASP B 89 -29.04 -38.10 20.80
N THR B 90 -28.67 -39.35 20.53
CA THR B 90 -27.65 -40.03 21.31
C THR B 90 -26.31 -39.30 21.19
N ALA B 91 -25.82 -38.80 22.31
CA ALA B 91 -24.54 -38.08 22.34
C ALA B 91 -24.21 -37.74 23.79
N VAL B 92 -22.96 -37.35 24.01
CA VAL B 92 -22.49 -36.93 25.32
C VAL B 92 -22.80 -35.45 25.45
N TYR B 93 -23.80 -35.12 26.25
CA TYR B 93 -24.24 -33.73 26.42
C TYR B 93 -23.31 -33.01 27.40
N TYR B 94 -22.73 -31.91 26.96
CA TYR B 94 -21.80 -31.12 27.76
C TYR B 94 -22.46 -29.82 28.21
N CYS B 95 -21.81 -29.17 29.17
CA CYS B 95 -22.28 -27.91 29.73
C CYS B 95 -21.11 -26.94 29.78
N ALA B 96 -21.27 -25.77 29.17
CA ALA B 96 -20.21 -24.79 29.05
C ALA B 96 -20.58 -23.51 29.78
N ALA B 97 -19.61 -22.94 30.50
CA ALA B 97 -19.75 -21.66 31.17
C ALA B 97 -18.62 -20.76 30.69
N GLN B 98 -18.94 -19.79 29.86
CA GLN B 98 -17.96 -18.95 29.20
C GLN B 98 -18.20 -17.48 29.53
N ASP B 99 -17.12 -16.69 29.44
CA ASP B 99 -17.22 -15.25 29.66
C ASP B 99 -18.17 -14.63 28.63
N LEU B 100 -18.72 -13.47 28.98
CA LEU B 100 -19.66 -12.79 28.09
C LEU B 100 -19.02 -12.51 26.74
N LEU B 101 -17.83 -11.92 26.73
CA LEU B 101 -17.10 -11.59 25.51
C LEU B 101 -16.09 -12.66 25.15
N TYR B 102 -16.41 -13.93 25.40
CA TYR B 102 -15.46 -15.00 25.13
C TYR B 102 -15.16 -15.14 23.64
N TYR B 103 -16.21 -15.07 22.81
CA TYR B 103 -16.01 -15.27 21.37
C TYR B 103 -15.19 -14.13 20.77
N SER B 104 -15.42 -12.90 21.24
CA SER B 104 -14.86 -11.73 20.55
C SER B 104 -13.40 -11.48 20.88
N PHE B 105 -12.94 -11.90 22.06
CA PHE B 105 -11.59 -11.57 22.48
C PHE B 105 -10.85 -12.81 22.97
N PRO B 106 -9.56 -12.95 22.63
CA PRO B 106 -8.83 -14.15 23.04
C PRO B 106 -8.53 -14.21 24.52
N GLY B 107 -8.47 -13.08 25.22
CA GLY B 107 -8.14 -13.10 26.63
C GLY B 107 -9.13 -13.88 27.48
N ASP B 108 -10.39 -13.90 27.09
CA ASP B 108 -11.41 -14.59 27.84
C ASP B 108 -11.31 -16.11 27.62
N HIS B 109 -11.86 -16.86 28.59
CA HIS B 109 -11.79 -18.31 28.58
C HIS B 109 -13.20 -18.90 28.68
N ALA B 110 -13.29 -20.17 28.31
CA ALA B 110 -14.53 -20.93 28.41
C ALA B 110 -14.29 -22.18 29.24
N TYR B 111 -15.17 -22.45 30.19
CA TYR B 111 -15.04 -23.57 31.11
C TYR B 111 -16.13 -24.59 30.81
N TRP B 112 -15.72 -25.84 30.62
CA TRP B 112 -16.63 -26.93 30.27
C TRP B 112 -16.77 -27.91 31.42
N GLY B 113 -17.76 -28.79 31.29
CA GLY B 113 -17.98 -29.85 32.25
C GLY B 113 -17.51 -31.20 31.71
N GLN B 114 -17.83 -32.24 32.49
CA GLN B 114 -17.43 -33.59 32.11
C GLN B 114 -18.40 -34.22 31.11
N GLY B 115 -19.67 -33.86 31.16
CA GLY B 115 -20.66 -34.39 30.26
C GLY B 115 -21.26 -35.71 30.73
N THR B 116 -22.43 -36.02 30.19
CA THR B 116 -23.15 -37.24 30.54
C THR B 116 -23.73 -37.85 29.28
N GLN B 117 -23.53 -39.15 29.11
CA GLN B 117 -24.04 -39.85 27.94
C GLN B 117 -25.56 -40.04 28.04
N VAL B 118 -26.25 -39.82 26.94
CA VAL B 118 -27.70 -40.00 26.84
C VAL B 118 -27.96 -40.85 25.61
N THR B 119 -28.26 -42.12 25.81
CA THR B 119 -28.53 -43.06 24.74
C THR B 119 -30.04 -43.31 24.64
N VAL B 120 -30.54 -43.33 23.40
CA VAL B 120 -31.96 -43.55 23.14
C VAL B 120 -32.11 -44.84 22.34
N SER B 121 -32.95 -45.74 22.83
CA SER B 121 -33.18 -47.02 22.19
C SER B 121 -34.42 -46.94 21.29
N SER B 122 -34.30 -47.52 20.10
CA SER B 122 -35.41 -47.51 19.14
C SER B 122 -36.48 -48.52 19.53
P PO4 C . -28.44 -4.14 11.88
O1 PO4 C . -29.18 -2.95 11.39
O2 PO4 C . -27.65 -4.75 10.78
O3 PO4 C . -29.40 -5.15 12.44
O4 PO4 C . -27.53 -3.68 12.96
NA NA D . 22.59 37.19 -41.57
C1 OLB E . -6.87 8.49 -13.37
C2 OLB E . -7.24 8.10 -11.95
C3 OLB E . -8.23 6.95 -12.11
C4 OLB E . -8.50 6.29 -10.77
C5 OLB E . -9.22 4.96 -10.97
O19 OLB E . -7.33 8.02 -14.37
O20 OLB E . -5.91 9.46 -13.43
C21 OLB E . -4.93 9.12 -14.40
C22 OLB E . -4.18 10.44 -14.72
O23 OLB E . -3.49 10.89 -13.60
C24 OLB E . -3.20 10.18 -15.89
O25 OLB E . -3.16 8.79 -16.01
C6 OLB E . -9.43 4.30 -9.62
C7 OLB E . -10.22 2.99 -9.74
C8 OLB E . -10.60 2.48 -8.36
C9 OLB E . -11.15 1.09 -8.47
C10 OLB E . -11.10 0.41 -9.62
C11 OLB E . -11.66 -0.96 -9.72
C1 OLB F . -26.58 5.34 14.82
C2 OLB F . -25.27 4.73 14.42
C3 OLB F . -24.74 5.62 13.30
C4 OLB F . -23.22 5.54 13.22
C5 OLB F . -22.71 6.56 12.22
O19 OLB F . -26.74 6.37 15.42
O20 OLB F . -27.66 4.59 14.43
C21 OLB F . -28.40 4.13 15.55
C22 OLB F . -29.42 5.25 15.85
O23 OLB F . -30.49 5.18 14.97
C24 OLB F . -29.89 5.11 17.32
O25 OLB F . -30.35 6.38 17.67
C6 OLB F . -21.24 6.28 11.92
C7 OLB F . -20.94 6.53 10.45
C8 OLB F . -19.72 7.41 10.27
C9 OLB F . -18.52 6.69 10.78
C10 OLB F . -17.56 7.33 11.43
C11 OLB F . -16.36 6.62 11.93
C12 OLB F . -16.12 6.98 13.38
C1 OLB G . -10.82 13.07 -4.70
C2 OLB G . -10.61 12.66 -3.27
C3 OLB G . -11.88 11.93 -2.88
C4 OLB G . -11.70 10.43 -3.04
C5 OLB G . -12.31 9.69 -1.86
O19 OLB G . -11.88 13.14 -5.27
O20 OLB G . -9.66 13.38 -5.34
C21 OLB G . -9.87 13.49 -6.75
C22 OLB G . -8.45 13.60 -7.32
O23 OLB G . -8.27 12.63 -8.31
C24 OLB G . -8.26 15.03 -7.90
O25 OLB G . -6.88 15.24 -7.90
C6 OLB G . -12.85 8.37 -2.33
C7 OLB G . -14.26 8.13 -1.78
C8 OLB G . -14.20 7.45 -0.43
C9 OLB G . -14.21 8.47 0.66
C10 OLB G . -15.25 8.61 1.46
C11 OLB G . -15.26 9.62 2.54
C12 OLB G . -14.78 8.99 3.82
C13 OLB G . -13.42 9.56 4.17
C14 OLB G . -13.58 10.82 5.01
C15 OLB G . -13.18 12.06 4.22
C16 OLB G . -12.19 12.88 5.03
C17 OLB G . -12.36 14.38 4.75
C18 OLB G . -11.03 15.06 4.97
C1 OLB H . -11.26 9.89 -8.97
C2 OLB H . -10.93 8.68 -8.14
C3 OLB H . -12.02 8.63 -7.07
C4 OLB H . -12.97 7.49 -7.36
C5 OLB H . -13.27 6.72 -6.08
O19 OLB H . -11.95 10.83 -8.64
O20 OLB H . -10.70 9.85 -10.21
C21 OLB H . -9.94 11.00 -10.47
C22 OLB H . -10.45 11.49 -11.82
O23 OLB H . -11.81 11.79 -11.74
C24 OLB H . -9.65 12.75 -12.25
O25 OLB H . -9.00 12.38 -13.43
C6 OLB H . -14.13 5.51 -6.42
C7 OLB H . -13.36 4.51 -7.27
C8 OLB H . -13.68 3.08 -6.84
C9 OLB H . -12.76 2.69 -5.73
C10 OLB H . -12.93 1.56 -5.07
C11 OLB H . -14.03 0.62 -5.41
C12 OLB H . -15.10 0.67 -4.33
C1 OLB I . -7.97 -19.89 6.59
C2 OLB I . -7.88 -19.05 5.35
C3 OLB I . -6.49 -18.43 5.38
C4 OLB I . -5.94 -18.36 3.96
C5 OLB I . -4.80 -17.36 3.90
O19 OLB I . -7.24 -19.86 7.54
O20 OLB I . -9.02 -20.77 6.56
C21 OLB I . -9.71 -20.80 7.81
C22 OLB I . -10.87 -21.79 7.59
O23 OLB I . -11.20 -22.40 8.79
C24 OLB I . -12.08 -21.01 7.02
O25 OLB I . -12.06 -21.30 5.65
C6 OLB I . -4.57 -16.98 2.44
C7 OLB I . -3.13 -16.53 2.22
C8 OLB I . -2.83 -16.43 0.73
C9 OLB I . -2.92 -15.01 0.30
C10 OLB I . -1.97 -14.47 -0.45
C1 OLB J . -1.30 -21.81 11.82
C2 OLB J . -2.25 -21.00 10.98
C3 OLB J . -1.40 -19.92 10.32
C4 OLB J . -2.05 -19.44 9.04
C5 OLB J . -1.31 -18.20 8.53
O19 OLB J . -0.13 -21.99 11.59
O20 OLB J . -1.88 -22.35 12.93
C21 OLB J . -2.06 -23.75 12.78
C22 OLB J . -1.06 -24.39 13.78
O23 OLB J . -0.19 -23.44 14.28
C24 OLB J . -1.87 -25.05 14.94
O25 OLB J . -1.97 -26.40 14.59
C6 OLB J . -1.82 -17.84 7.13
C7 OLB J . -2.37 -16.42 7.10
C8 OLB J . -1.72 -15.61 5.98
C9 OLB J . -1.29 -14.29 6.54
C10 OLB J . -0.98 -13.26 5.75
C11 OLB J . -1.06 -13.35 4.26
C12 OLB J . -1.05 -11.95 3.67
C13 OLB J . -0.91 -12.07 2.16
C14 OLB J . 0.55 -11.96 1.76
C15 OLB J . 0.73 -10.93 0.64
C16 OLB J . 2.04 -11.19 -0.11
C17 OLB J . 1.81 -11.11 -1.61
C18 OLB J . 0.58 -11.94 -1.94
C1 NAG K . 42.99 28.94 -35.10
C2 NAG K . 44.31 28.23 -35.45
C3 NAG K . 45.38 29.24 -35.81
C4 NAG K . 44.77 30.40 -36.58
C5 NAG K . 43.84 31.19 -35.66
C6 NAG K . 42.69 31.83 -36.40
C7 NAG K . 44.60 26.06 -34.35
C8 NAG K . 45.12 25.34 -33.14
N2 NAG K . 44.76 27.39 -34.35
O3 NAG K . 46.38 28.61 -36.60
O4 NAG K . 45.78 31.27 -37.06
O5 NAG K . 43.27 30.31 -34.68
O6 NAG K . 41.61 32.13 -35.51
O7 NAG K . 44.07 25.45 -35.29
C1 NAG L . 17.50 30.83 -21.48
C2 NAG L . 18.26 31.06 -22.78
C3 NAG L . 17.65 32.25 -23.55
C4 NAG L . 16.15 32.04 -23.74
C5 NAG L . 15.48 31.77 -22.39
C6 NAG L . 14.01 31.43 -22.53
C7 NAG L . 20.13 32.35 -21.86
C8 NAG L . 21.62 32.43 -21.70
N2 NAG L . 19.68 31.29 -22.54
O3 NAG L . 18.29 32.39 -24.80
O4 NAG L . 15.58 33.19 -24.34
O5 NAG L . 16.10 30.66 -21.75
O6 NAG L . 13.21 32.61 -22.55
O7 NAG L . 19.38 33.20 -21.39
C10 LKD M . 4.45 10.88 -2.03
C13 LKD M . 4.89 12.35 -2.06
C15 LKD M . 8.22 13.03 -5.35
C17 LKD M . 9.85 13.06 -7.43
C20 LKD M . 9.17 14.95 -8.79
C21 LKD M . 9.26 15.80 -9.91
C24 LKD M . 11.13 14.50 -10.75
C01 LKD M . 8.51 8.51 -6.21
C03 LKD M . 7.52 10.17 -7.58
C04 LKD M . 6.86 11.42 -7.71
C05 LKD M . 6.08 12.07 -6.50
C07 LKD M . 6.49 11.81 -3.95
C08 LKD M . 5.98 10.39 -4.02
C09 LKD M . 5.48 9.92 -2.64
C12 LKD M . 2.81 10.29 -0.39
C14 LKD M . 5.41 12.77 -3.44
C16 LKD M . 8.77 13.60 -6.68
C19 LKD M . 10.05 13.90 -8.67
C23 LKD M . 10.24 15.57 -10.88
C25 LKD M . 11.04 13.66 -9.64
C29 LKD M . 6.90 12.08 -8.94
C30 LKD M . 7.60 11.52 -10.04
C31 LKD M . 7.64 12.27 -11.41
C32 LKD M . 6.97 13.47 -11.58
C33 LKD M . 7.04 14.10 -12.82
C35 LKD M . 8.39 12.44 -13.68
C36 LKD M . 8.38 11.74 -12.48
C37 LKD M . 8.23 10.29 -9.89
C38 LKD M . 8.19 9.61 -8.65
F22 LKD M . 8.39 16.84 -10.04
F26 LKD M . 11.91 12.62 -9.51
N06 LKD M . 6.94 12.30 -5.28
N11 LKD M . 4.24 10.50 -0.62
N34 LKD M . 7.75 13.58 -13.82
O02 LKD M . 7.48 9.49 -6.34
O28 LKD M . 8.85 13.19 -4.35
S27 LKD M . 8.14 14.94 -7.48
CL18 LKD M . 10.82 11.62 -6.97
C1 CLR N . 1.51 6.68 2.93
C2 CLR N . 2.71 7.12 2.17
C3 CLR N . 3.58 5.97 1.93
C4 CLR N . 2.82 5.00 1.12
C5 CLR N . 1.68 4.60 1.79
C6 CLR N . 1.43 3.25 1.87
C7 CLR N . 0.34 2.68 2.49
C8 CLR N . -0.68 3.66 2.89
C9 CLR N . 0.00 4.86 3.38
C10 CLR N . 0.81 5.50 2.32
C11 CLR N . -1.04 5.82 3.82
C12 CLR N . -1.78 5.24 5.00
C13 CLR N . -2.41 3.98 4.54
C14 CLR N . -1.36 3.08 4.07
C15 CLR N . -2.20 1.91 3.71
C16 CLR N . -3.23 1.88 4.83
C17 CLR N . -2.98 3.15 5.63
C18 CLR N . -3.39 4.23 3.42
C19 CLR N . -0.13 5.99 1.24
C20 CLR N . -4.28 3.71 6.20
C21 CLR N . -3.95 4.66 7.33
C22 CLR N . -5.14 2.57 6.74
C23 CLR N . -5.51 2.74 8.22
C24 CLR N . -7.01 2.96 8.42
C25 CLR N . -7.78 1.69 8.81
C26 CLR N . -9.27 1.89 8.55
C27 CLR N . -7.64 1.37 10.29
O1 CLR N . 4.66 6.40 1.18
C1 CLR O . 19.76 30.59 -29.95
C2 CLR O . 19.85 31.91 -30.66
C3 CLR O . 18.77 31.88 -31.72
C4 CLR O . 17.39 31.75 -31.07
C5 CLR O . 17.34 30.63 -30.23
C6 CLR O . 16.14 29.90 -30.25
C7 CLR O . 15.94 28.74 -29.51
C8 CLR O . 16.86 28.68 -28.30
C9 CLR O . 18.28 28.92 -28.79
C10 CLR O . 18.38 30.38 -29.31
C11 CLR O . 19.35 28.63 -27.69
C12 CLR O . 19.14 27.27 -27.08
C13 CLR O . 17.70 27.20 -26.47
C14 CLR O . 16.74 27.32 -27.68
C15 CLR O . 15.40 27.07 -27.05
C16 CLR O . 15.70 25.86 -26.16
C17 CLR O . 17.26 25.82 -26.05
C18 CLR O . 17.49 28.24 -25.33
C19 CLR O . 18.19 31.41 -28.18
C20 CLR O . 17.71 25.36 -24.63
C21 CLR O . 19.23 25.35 -24.46
C22 CLR O . 17.18 23.96 -24.40
C23 CLR O . 17.27 23.58 -22.93
C24 CLR O . 17.86 22.19 -22.84
C25 CLR O . 17.34 21.52 -21.59
C26 CLR O . 18.38 20.50 -21.11
C27 CLR O . 16.04 20.81 -21.95
O1 CLR O . 18.81 33.10 -32.50
#